data_1IEQ
#
_entry.id   1IEQ
#
_cell.length_a   100.951
_cell.length_b   100.951
_cell.length_c   181.196
_cell.angle_alpha   90.00
_cell.angle_beta   90.00
_cell.angle_gamma   90.00
#
_symmetry.space_group_name_H-M   'P 43 21 2'
#
loop_
_entity.id
_entity.type
_entity.pdbx_description
1 polymer 'BETA-D-GLUCAN GLUCOHYDROLASE ISOENZYME EXO1'
2 branched beta-D-mannopyranose-(1-4)-2-acetamido-2-deoxy-beta-D-glucopyranose-(1-4)-2-acetamido-2-deoxy-beta-D-glucopyranose
3 branched 2-acetamido-2-deoxy-beta-D-glucopyranose-(1-2)-alpha-D-mannopyranose-(1-6)-beta-D-mannopyranose-(1-4)-2-acetamido-2-deoxy-beta-D-glucopyranose-(1-4)-[alpha-L-fucopyranose-(1-3)]2-acetamido-2-deoxy-beta-D-glucopyranose
4 non-polymer beta-D-glucopyranose
5 water water
#
_entity_poly.entity_id   1
_entity_poly.type   'polypeptide(L)'
_entity_poly.pdbx_seq_one_letter_code
;DYVLYKDATKPVEDRVADLLGRMTLAEKIGQMTQIERLVATPDVLRDNFIGSLLSGGGSVPRKGATAKEWQDMVDGFQKA
CMSTRLGIPMIYGIDAVHGQNNVYGATIFPHNVGLGATRDPYLVKRIGEATALEVRATGIQYAFAPCIAVCRDPRWGRCY
ESYSEDRRIVQSMTELIPGLQGDVPKDFTSGMPFVAGKNKVAACAKHFVGDGGTVDGINENNTIINREGLMNIHMPAYKN
AMDKGVSTVMISYSSWNGVKMHANQDLVTGYLKDTLKFKGFVISDWEGIDRITTPAGSDYSYSVKASILAGLDMIMVPNK
YQQFISILTGHVNGGVIPMSRIDDAVTRILRVKFTMGLFENPYADPAMAEQLGKQEHRDLAREAARKSLVLLKNGKTSTD
APLLPLPKKAPKILVAGSHADNLGYQCGGWTIEWQGDTGRTTVGTTILEAVKAAVDPSTVVVFAENPDAEFVKSGGFSYA
IVAVGEHPYTETKGDNLNLTIPEPGLSTVQAVCGGVRCATVLISGRPVVVQPLLAASDALVAAWLPGSEGQGVTDALFGD
FGFTGRLPRTWFKSVDQLPMNVGDAHYDPLFRLGYGLTTNATKKY
;
_entity_poly.pdbx_strand_id   A
#
loop_
_chem_comp.id
_chem_comp.type
_chem_comp.name
_chem_comp.formula
BGC D-saccharide, beta linking beta-D-glucopyranose 'C6 H12 O6'
BMA D-saccharide, beta linking beta-D-mannopyranose 'C6 H12 O6'
FUC L-saccharide, alpha linking alpha-L-fucopyranose 'C6 H12 O5'
MAN D-saccharide, alpha linking alpha-D-mannopyranose 'C6 H12 O6'
NAG D-saccharide, beta linking 2-acetamido-2-deoxy-beta-D-glucopyranose 'C8 H15 N O6'
#
# COMPACT_ATOMS: atom_id res chain seq x y z
N ASP A 1 -4.58 -45.36 6.37
CA ASP A 1 -5.52 -45.34 5.21
C ASP A 1 -5.44 -44.02 4.47
N TYR A 2 -6.30 -43.87 3.47
CA TYR A 2 -6.36 -42.66 2.64
C TYR A 2 -6.58 -41.40 3.48
N VAL A 3 -5.76 -40.37 3.21
CA VAL A 3 -5.89 -39.09 3.93
C VAL A 3 -6.46 -38.03 2.98
N LEU A 4 -7.78 -37.85 3.05
CA LEU A 4 -8.52 -36.91 2.21
C LEU A 4 -7.90 -35.53 2.01
N TYR A 5 -7.53 -34.86 3.10
CA TYR A 5 -6.98 -33.51 2.99
C TYR A 5 -5.69 -33.39 2.20
N LYS A 6 -4.93 -34.48 2.12
CA LYS A 6 -3.67 -34.45 1.38
C LYS A 6 -3.87 -34.75 -0.11
N ASP A 7 -5.11 -35.06 -0.49
CA ASP A 7 -5.46 -35.36 -1.88
C ASP A 7 -5.79 -34.09 -2.67
N ALA A 8 -4.86 -33.66 -3.52
CA ALA A 8 -5.07 -32.44 -4.30
C ALA A 8 -6.19 -32.50 -5.34
N THR A 9 -6.81 -33.66 -5.52
CA THR A 9 -7.88 -33.79 -6.50
C THR A 9 -9.26 -33.62 -5.89
N LYS A 10 -9.33 -33.45 -4.57
CA LYS A 10 -10.61 -33.31 -3.88
C LYS A 10 -11.02 -31.85 -3.69
N PRO A 11 -12.33 -31.59 -3.57
CA PRO A 11 -12.82 -30.21 -3.39
C PRO A 11 -12.25 -29.60 -2.11
N VAL A 12 -12.01 -28.30 -2.17
CA VAL A 12 -11.46 -27.56 -1.04
C VAL A 12 -12.24 -27.77 0.27
N GLU A 13 -13.55 -27.58 0.23
CA GLU A 13 -14.38 -27.74 1.41
C GLU A 13 -14.19 -29.13 2.02
N ASP A 14 -14.11 -30.16 1.18
CA ASP A 14 -13.91 -31.51 1.67
C ASP A 14 -12.58 -31.61 2.38
N ARG A 15 -11.55 -31.06 1.76
CA ARG A 15 -10.21 -31.09 2.34
C ARG A 15 -10.19 -30.33 3.66
N VAL A 16 -10.82 -29.16 3.71
CA VAL A 16 -10.85 -28.38 4.94
C VAL A 16 -11.52 -29.19 6.05
N ALA A 17 -12.70 -29.72 5.77
CA ALA A 17 -13.43 -30.50 6.76
C ALA A 17 -12.60 -31.67 7.27
N ASP A 18 -12.00 -32.40 6.35
CA ASP A 18 -11.19 -33.55 6.71
C ASP A 18 -10.03 -33.18 7.62
N LEU A 19 -9.35 -32.07 7.31
CA LEU A 19 -8.21 -31.65 8.12
C LEU A 19 -8.66 -31.15 9.50
N LEU A 20 -9.61 -30.24 9.50
CA LEU A 20 -10.13 -29.68 10.74
C LEU A 20 -10.48 -30.79 11.72
N GLY A 21 -11.12 -31.83 11.20
CA GLY A 21 -11.53 -32.94 12.03
C GLY A 21 -10.43 -33.74 12.71
N ARG A 22 -9.18 -33.55 12.29
CA ARG A 22 -8.08 -34.30 12.88
C ARG A 22 -7.27 -33.44 13.84
N MET A 23 -7.47 -32.14 13.77
CA MET A 23 -6.71 -31.18 14.60
C MET A 23 -7.01 -31.11 16.08
N THR A 24 -5.95 -30.99 16.89
CA THR A 24 -6.06 -30.87 18.33
C THR A 24 -6.26 -29.37 18.60
N LEU A 25 -6.58 -29.01 19.83
CA LEU A 25 -6.80 -27.60 20.15
C LEU A 25 -5.54 -26.77 19.89
N ALA A 26 -4.38 -27.33 20.23
CA ALA A 26 -3.12 -26.63 20.04
C ALA A 26 -2.87 -26.34 18.57
N GLU A 27 -3.22 -27.30 17.71
CA GLU A 27 -3.00 -27.12 16.28
C GLU A 27 -3.97 -26.12 15.68
N LYS A 28 -5.15 -25.99 16.27
CA LYS A 28 -6.14 -25.04 15.76
C LYS A 28 -5.74 -23.63 16.17
N ILE A 29 -5.42 -23.44 17.43
CA ILE A 29 -5.00 -22.12 17.90
C ILE A 29 -3.71 -21.72 17.18
N GLY A 30 -2.95 -22.72 16.74
CA GLY A 30 -1.71 -22.46 16.03
C GLY A 30 -1.94 -21.82 14.68
N GLN A 31 -2.92 -22.32 13.93
CA GLN A 31 -3.25 -21.77 12.64
C GLN A 31 -3.69 -20.32 12.77
N MET A 32 -4.30 -20.00 13.90
CA MET A 32 -4.78 -18.65 14.13
C MET A 32 -3.68 -17.69 14.54
N THR A 33 -2.44 -18.19 14.63
CA THR A 33 -1.32 -17.36 15.06
C THR A 33 -0.30 -16.94 14.00
N GLN A 34 -0.17 -15.63 13.78
CA GLN A 34 0.81 -15.11 12.83
C GLN A 34 1.90 -14.38 13.59
N ILE A 35 3.15 -14.79 13.38
CA ILE A 35 4.28 -14.18 14.08
C ILE A 35 5.30 -13.52 13.14
N GLU A 36 6.08 -12.62 13.70
CA GLU A 36 7.12 -11.91 12.97
C GLU A 36 8.29 -12.86 12.78
N ARG A 37 8.93 -12.81 11.62
CA ARG A 37 10.06 -13.68 11.38
C ARG A 37 11.13 -13.46 12.43
N LEU A 38 11.24 -12.22 12.92
CA LEU A 38 12.24 -11.90 13.92
C LEU A 38 12.17 -12.77 15.18
N VAL A 39 11.00 -13.32 15.47
CA VAL A 39 10.88 -14.19 16.66
C VAL A 39 10.61 -15.64 16.27
N ALA A 40 10.74 -15.95 14.99
CA ALA A 40 10.47 -17.30 14.49
C ALA A 40 11.70 -18.20 14.51
N THR A 41 11.47 -19.47 14.85
CA THR A 41 12.50 -20.48 14.92
C THR A 41 11.91 -21.79 14.41
N PRO A 42 12.76 -22.68 13.87
CA PRO A 42 12.21 -23.95 13.38
C PRO A 42 11.44 -24.64 14.50
N ASP A 43 11.98 -24.55 15.71
CA ASP A 43 11.34 -25.14 16.88
C ASP A 43 10.05 -24.43 17.22
N VAL A 44 10.11 -23.11 17.31
CA VAL A 44 8.93 -22.33 17.64
C VAL A 44 7.79 -22.63 16.67
N LEU A 45 8.09 -22.56 15.37
CA LEU A 45 7.07 -22.84 14.36
C LEU A 45 6.57 -24.26 14.48
N ARG A 46 7.50 -25.19 14.64
CA ARG A 46 7.14 -26.59 14.75
C ARG A 46 6.37 -26.89 16.04
N ASP A 47 6.94 -26.53 17.18
CA ASP A 47 6.28 -26.80 18.45
C ASP A 47 4.98 -26.04 18.70
N ASN A 48 4.85 -24.85 18.14
CA ASN A 48 3.62 -24.10 18.34
C ASN A 48 2.62 -24.21 17.20
N PHE A 49 2.97 -25.00 16.19
CA PHE A 49 2.11 -25.21 15.02
C PHE A 49 1.72 -23.88 14.37
N ILE A 50 2.65 -22.93 14.34
CA ILE A 50 2.39 -21.61 13.76
C ILE A 50 1.79 -21.71 12.35
N GLY A 51 0.69 -20.99 12.14
CA GLY A 51 0.03 -21.02 10.84
C GLY A 51 0.43 -19.93 9.89
N SER A 52 1.17 -18.93 10.37
CA SER A 52 1.59 -17.84 9.51
C SER A 52 2.75 -17.00 10.05
N LEU A 53 3.55 -16.46 9.13
CA LEU A 53 4.66 -15.59 9.47
C LEU A 53 4.50 -14.32 8.64
N LEU A 54 5.24 -13.28 9.00
CA LEU A 54 5.17 -12.03 8.25
C LEU A 54 6.39 -11.16 8.52
N SER A 55 6.65 -10.25 7.59
CA SER A 55 7.74 -9.30 7.73
C SER A 55 7.05 -7.96 7.86
N GLY A 56 7.27 -7.27 8.97
CA GLY A 56 6.68 -5.94 9.10
C GLY A 56 7.54 -5.04 8.24
N GLY A 57 7.21 -3.75 8.19
CA GLY A 57 8.01 -2.84 7.41
C GLY A 57 9.46 -2.95 7.85
N GLY A 58 10.37 -3.11 6.89
CA GLY A 58 11.78 -3.20 7.20
C GLY A 58 12.30 -4.52 7.73
N SER A 59 11.44 -5.48 8.01
CA SER A 59 11.90 -6.79 8.53
C SER A 59 12.46 -7.65 7.41
N VAL A 60 13.77 -7.59 7.20
CA VAL A 60 14.41 -8.32 6.13
C VAL A 60 15.60 -9.20 6.58
N PRO A 61 16.01 -10.15 5.74
CA PRO A 61 17.13 -11.06 6.02
C PRO A 61 18.45 -10.30 6.19
N ARG A 62 18.72 -9.42 5.24
CA ARG A 62 19.92 -8.58 5.23
C ARG A 62 19.59 -7.37 4.38
N LYS A 63 20.36 -6.32 4.54
CA LYS A 63 20.16 -5.16 3.70
C LYS A 63 20.73 -5.62 2.36
N GLY A 64 20.00 -5.34 1.28
CA GLY A 64 20.47 -5.73 -0.04
C GLY A 64 20.34 -7.21 -0.37
N ALA A 65 19.67 -7.97 0.48
CA ALA A 65 19.49 -9.40 0.25
C ALA A 65 18.89 -9.68 -1.13
N THR A 66 19.28 -10.79 -1.76
CA THR A 66 18.78 -11.15 -3.09
C THR A 66 17.47 -11.91 -3.01
N ALA A 67 16.87 -12.16 -4.17
CA ALA A 67 15.60 -12.89 -4.21
C ALA A 67 15.78 -14.31 -3.67
N LYS A 68 16.90 -14.95 -3.96
CA LYS A 68 17.15 -16.31 -3.47
C LYS A 68 17.27 -16.31 -1.95
N GLU A 69 17.85 -15.25 -1.39
CA GLU A 69 18.00 -15.16 0.05
C GLU A 69 16.61 -15.18 0.68
N TRP A 70 15.69 -14.39 0.11
CA TRP A 70 14.33 -14.36 0.62
C TRP A 70 13.71 -15.74 0.46
N GLN A 71 13.82 -16.32 -0.72
CA GLN A 71 13.28 -17.64 -0.96
C GLN A 71 13.82 -18.64 0.07
N ASP A 72 15.13 -18.53 0.35
CA ASP A 72 15.74 -19.44 1.30
C ASP A 72 15.21 -19.21 2.71
N MET A 73 14.94 -17.95 3.05
CA MET A 73 14.42 -17.65 4.38
C MET A 73 13.02 -18.22 4.55
N VAL A 74 12.16 -17.98 3.56
CA VAL A 74 10.80 -18.48 3.61
C VAL A 74 10.75 -19.99 3.60
N ASP A 75 11.48 -20.61 2.68
CA ASP A 75 11.50 -22.07 2.62
C ASP A 75 12.00 -22.66 3.95
N GLY A 76 12.92 -21.95 4.59
CA GLY A 76 13.47 -22.41 5.86
C GLY A 76 12.38 -22.51 6.93
N PHE A 77 11.54 -21.50 6.99
CA PHE A 77 10.45 -21.49 7.96
C PHE A 77 9.40 -22.52 7.55
N GLN A 78 9.14 -22.62 6.24
CA GLN A 78 8.17 -23.57 5.73
C GLN A 78 8.53 -25.02 6.05
N LYS A 79 9.80 -25.38 5.87
CA LYS A 79 10.24 -26.74 6.18
C LYS A 79 9.92 -27.11 7.63
N ALA A 80 10.04 -26.14 8.52
CA ALA A 80 9.74 -26.36 9.93
C ALA A 80 8.25 -26.68 10.06
N CYS A 81 7.40 -25.89 9.42
CA CYS A 81 5.96 -26.11 9.47
C CYS A 81 5.56 -27.41 8.78
N MET A 82 6.25 -27.75 7.69
CA MET A 82 5.91 -28.97 6.97
C MET A 82 6.28 -30.21 7.76
N SER A 83 7.05 -30.05 8.83
CA SER A 83 7.45 -31.22 9.61
C SER A 83 6.48 -31.53 10.76
N THR A 84 5.44 -30.72 10.92
CA THR A 84 4.48 -30.99 11.99
C THR A 84 3.70 -32.27 11.67
N ARG A 85 3.03 -32.80 12.68
CA ARG A 85 2.24 -34.02 12.52
C ARG A 85 1.35 -33.97 11.28
N LEU A 86 0.65 -32.85 11.10
CA LEU A 86 -0.25 -32.68 9.98
C LEU A 86 0.39 -32.05 8.74
N GLY A 87 1.56 -31.44 8.94
CA GLY A 87 2.26 -30.80 7.83
C GLY A 87 1.52 -29.67 7.13
N ILE A 88 0.86 -28.82 7.91
CA ILE A 88 0.13 -27.69 7.36
C ILE A 88 1.09 -26.56 6.99
N PRO A 89 1.12 -26.18 5.71
CA PRO A 89 2.00 -25.11 5.23
C PRO A 89 1.63 -23.79 5.90
N MET A 90 2.62 -22.95 6.13
CA MET A 90 2.36 -21.65 6.72
C MET A 90 2.19 -20.67 5.55
N ILE A 91 1.55 -19.53 5.81
CA ILE A 91 1.38 -18.53 4.77
C ILE A 91 2.17 -17.31 5.24
N TYR A 92 3.08 -16.83 4.38
CA TYR A 92 3.93 -15.69 4.71
C TYR A 92 3.37 -14.40 4.13
N GLY A 93 3.18 -13.40 4.99
CA GLY A 93 2.64 -12.15 4.52
C GLY A 93 3.63 -11.00 4.58
N ILE A 94 3.38 -9.98 3.78
CA ILE A 94 4.26 -8.83 3.74
C ILE A 94 3.53 -7.67 3.10
N ASP A 95 3.98 -6.46 3.39
CA ASP A 95 3.38 -5.27 2.84
C ASP A 95 3.92 -4.92 1.46
N ALA A 96 3.30 -5.48 0.42
CA ALA A 96 3.69 -5.15 -0.94
C ALA A 96 2.57 -4.19 -1.33
N VAL A 97 2.66 -2.96 -0.85
CA VAL A 97 1.63 -1.97 -1.11
C VAL A 97 1.84 -1.13 -2.36
N HIS A 98 3.04 -1.17 -2.92
CA HIS A 98 3.35 -0.48 -4.17
C HIS A 98 4.58 -1.15 -4.78
N GLY A 99 4.48 -2.47 -4.88
CA GLY A 99 5.55 -3.30 -5.39
C GLY A 99 6.04 -4.09 -4.17
N GLN A 100 6.97 -5.02 -4.37
CA GLN A 100 7.52 -5.77 -3.25
C GLN A 100 8.50 -4.77 -2.60
N ASN A 101 7.92 -3.69 -2.08
CA ASN A 101 8.68 -2.58 -1.51
C ASN A 101 9.71 -2.78 -0.41
N ASN A 102 9.62 -3.88 0.35
CA ASN A 102 10.60 -4.13 1.41
C ASN A 102 11.89 -4.68 0.80
N VAL A 103 11.76 -5.31 -0.36
CA VAL A 103 12.88 -5.95 -1.05
C VAL A 103 13.76 -5.06 -1.92
N TYR A 104 15.08 -5.17 -1.71
CA TYR A 104 16.04 -4.40 -2.46
C TYR A 104 15.98 -4.82 -3.92
N GLY A 105 15.97 -3.85 -4.82
CA GLY A 105 15.94 -4.16 -6.23
C GLY A 105 14.54 -4.37 -6.76
N ALA A 106 13.53 -4.32 -5.89
CA ALA A 106 12.16 -4.52 -6.35
C ALA A 106 11.64 -3.27 -7.03
N THR A 107 10.74 -3.46 -7.99
CA THR A 107 10.15 -2.35 -8.72
C THR A 107 9.26 -1.56 -7.75
N ILE A 108 9.48 -0.26 -7.65
CA ILE A 108 8.66 0.56 -6.76
C ILE A 108 7.67 1.36 -7.58
N PHE A 109 6.40 0.97 -7.53
CA PHE A 109 5.33 1.64 -8.26
C PHE A 109 4.87 2.88 -7.50
N PRO A 110 4.10 3.76 -8.17
CA PRO A 110 3.61 4.97 -7.49
C PRO A 110 2.63 4.56 -6.40
N HIS A 111 2.62 5.31 -5.29
CA HIS A 111 1.69 5.00 -4.22
C HIS A 111 0.25 5.19 -4.67
N ASN A 112 -0.69 4.62 -3.92
CA ASN A 112 -2.09 4.70 -4.32
C ASN A 112 -2.69 6.05 -4.72
N VAL A 113 -2.40 7.13 -3.98
CA VAL A 113 -2.98 8.42 -4.34
C VAL A 113 -2.67 8.79 -5.79
N GLY A 114 -1.46 8.52 -6.23
CA GLY A 114 -1.10 8.83 -7.59
C GLY A 114 -1.80 7.91 -8.57
N LEU A 115 -2.03 6.67 -8.16
CA LEU A 115 -2.70 5.71 -9.03
C LEU A 115 -4.15 6.08 -9.28
N GLY A 116 -4.77 6.77 -8.34
CA GLY A 116 -6.14 7.18 -8.51
C GLY A 116 -6.21 8.31 -9.52
N ALA A 117 -5.16 9.10 -9.55
CA ALA A 117 -5.08 10.24 -10.46
C ALA A 117 -5.07 9.78 -11.91
N THR A 118 -4.74 8.51 -12.12
CA THR A 118 -4.67 7.96 -13.46
C THR A 118 -6.05 7.59 -13.99
N ARG A 119 -6.97 7.29 -13.07
CA ARG A 119 -8.32 6.89 -13.45
C ARG A 119 -8.27 5.69 -14.38
N ASP A 120 -7.18 4.92 -14.30
CA ASP A 120 -6.99 3.75 -15.16
C ASP A 120 -6.99 2.45 -14.35
N PRO A 121 -8.15 1.85 -14.13
CA PRO A 121 -8.20 0.61 -13.36
C PRO A 121 -7.44 -0.56 -13.99
N TYR A 122 -7.39 -0.63 -15.31
CA TYR A 122 -6.68 -1.72 -15.95
C TYR A 122 -5.19 -1.61 -15.68
N LEU A 123 -4.69 -0.38 -15.60
CA LEU A 123 -3.29 -0.13 -15.31
C LEU A 123 -2.99 -0.69 -13.91
N VAL A 124 -3.83 -0.30 -12.95
CA VAL A 124 -3.67 -0.75 -11.57
C VAL A 124 -3.72 -2.28 -11.51
N LYS A 125 -4.63 -2.88 -12.26
CA LYS A 125 -4.73 -4.33 -12.28
C LYS A 125 -3.41 -4.91 -12.76
N ARG A 126 -2.81 -4.28 -13.77
CA ARG A 126 -1.54 -4.74 -14.31
C ARG A 126 -0.42 -4.62 -13.28
N ILE A 127 -0.46 -3.57 -12.47
CA ILE A 127 0.54 -3.39 -11.42
C ILE A 127 0.39 -4.55 -10.42
N GLY A 128 -0.85 -4.92 -10.14
CA GLY A 128 -1.12 -6.02 -9.23
C GLY A 128 -0.56 -7.34 -9.75
N GLU A 129 -0.50 -7.48 -11.07
CA GLU A 129 0.02 -8.72 -11.65
C GLU A 129 1.53 -8.75 -11.53
N ALA A 130 2.16 -7.59 -11.76
CA ALA A 130 3.61 -7.47 -11.68
C ALA A 130 4.04 -7.61 -10.23
N THR A 131 3.25 -7.02 -9.33
CA THR A 131 3.56 -7.08 -7.91
C THR A 131 3.53 -8.53 -7.43
N ALA A 132 2.50 -9.25 -7.83
CA ALA A 132 2.37 -10.65 -7.43
C ALA A 132 3.62 -11.41 -7.90
N LEU A 133 3.98 -11.22 -9.16
CA LEU A 133 5.15 -11.90 -9.71
C LEU A 133 6.41 -11.59 -8.89
N GLU A 134 6.60 -10.32 -8.53
CA GLU A 134 7.77 -9.93 -7.77
C GLU A 134 7.75 -10.35 -6.31
N VAL A 135 6.56 -10.59 -5.77
CA VAL A 135 6.45 -11.05 -4.39
C VAL A 135 6.80 -12.54 -4.39
N ARG A 136 6.29 -13.26 -5.37
CA ARG A 136 6.56 -14.70 -5.48
C ARG A 136 8.04 -14.92 -5.81
N ALA A 137 8.66 -13.90 -6.40
CA ALA A 137 10.07 -13.98 -6.76
C ALA A 137 10.90 -14.10 -5.48
N THR A 138 10.32 -13.67 -4.36
CA THR A 138 11.01 -13.74 -3.08
C THR A 138 10.44 -14.87 -2.23
N GLY A 139 9.54 -15.64 -2.81
CA GLY A 139 8.97 -16.77 -2.10
C GLY A 139 7.81 -16.46 -1.17
N ILE A 140 7.38 -15.21 -1.14
CA ILE A 140 6.27 -14.85 -0.28
C ILE A 140 4.96 -15.07 -1.06
N GLN A 141 3.91 -15.46 -0.36
CA GLN A 141 2.64 -15.77 -1.02
C GLN A 141 1.43 -14.92 -0.63
N TYR A 142 1.63 -13.90 0.20
CA TYR A 142 0.51 -13.10 0.68
C TYR A 142 0.87 -11.62 0.82
N ALA A 143 0.07 -10.75 0.19
CA ALA A 143 0.35 -9.32 0.25
C ALA A 143 -0.76 -8.55 0.96
N PHE A 144 -0.38 -7.74 1.94
CA PHE A 144 -1.35 -6.94 2.69
C PHE A 144 -1.78 -5.75 1.86
N ALA A 145 -2.39 -6.03 0.72
CA ALA A 145 -2.85 -5.00 -0.19
C ALA A 145 -4.08 -5.54 -0.91
N PRO A 146 -4.95 -4.66 -1.41
CA PRO A 146 -4.82 -3.20 -1.34
C PRO A 146 -5.50 -2.53 -0.16
N CYS A 147 -5.01 -1.35 0.17
CA CYS A 147 -5.60 -0.55 1.24
C CYS A 147 -6.74 0.18 0.51
N ILE A 148 -7.98 -0.13 0.84
CA ILE A 148 -9.09 0.55 0.18
C ILE A 148 -9.72 1.60 1.07
N ALA A 149 -8.92 2.20 1.93
CA ALA A 149 -9.43 3.26 2.78
C ALA A 149 -9.82 4.43 1.89
N VAL A 150 -10.82 5.18 2.32
CA VAL A 150 -11.26 6.35 1.57
C VAL A 150 -10.85 7.55 2.44
N CYS A 151 -9.66 8.08 2.20
CA CYS A 151 -9.16 9.19 3.00
C CYS A 151 -10.04 10.43 2.84
N ARG A 152 -10.58 10.91 3.97
CA ARG A 152 -11.45 12.08 3.95
C ARG A 152 -10.81 13.33 4.55
N ASP A 153 -9.55 13.21 4.97
CA ASP A 153 -8.84 14.32 5.56
C ASP A 153 -7.35 14.16 5.30
N PRO A 154 -6.78 15.00 4.42
CA PRO A 154 -5.37 14.99 4.03
C PRO A 154 -4.39 14.92 5.21
N ARG A 155 -4.79 15.45 6.36
CA ARG A 155 -3.92 15.45 7.53
C ARG A 155 -3.56 14.06 8.02
N TRP A 156 -4.24 13.05 7.48
CA TRP A 156 -3.97 11.67 7.88
C TRP A 156 -2.66 11.20 7.27
N GLY A 157 -1.78 10.70 8.12
CA GLY A 157 -0.49 10.23 7.66
C GLY A 157 -0.54 9.11 6.64
N ARG A 158 -1.71 8.49 6.46
CA ARG A 158 -1.84 7.40 5.49
C ARG A 158 -2.64 7.80 4.25
N CYS A 159 -2.96 9.08 4.10
CA CYS A 159 -3.76 9.51 2.96
C CYS A 159 -3.17 9.12 1.60
N TYR A 160 -1.86 8.94 1.50
CA TYR A 160 -1.26 8.55 0.24
C TYR A 160 -1.53 7.08 -0.10
N GLU A 161 -2.04 6.33 0.87
CA GLU A 161 -2.35 4.92 0.65
C GLU A 161 -3.80 4.77 0.21
N SER A 162 -4.48 5.90 0.06
CA SER A 162 -5.86 5.91 -0.39
C SER A 162 -5.91 6.41 -1.82
N TYR A 163 -6.57 5.65 -2.68
CA TYR A 163 -6.68 6.01 -4.08
C TYR A 163 -7.38 7.35 -4.23
N SER A 164 -8.34 7.62 -3.35
CA SER A 164 -9.10 8.87 -3.46
C SER A 164 -10.02 9.15 -2.28
N GLU A 165 -10.64 10.33 -2.29
CA GLU A 165 -11.59 10.72 -1.24
C GLU A 165 -12.98 10.35 -1.76
N ASP A 166 -13.02 9.90 -3.00
CA ASP A 166 -14.25 9.50 -3.67
C ASP A 166 -14.36 7.99 -3.78
N ARG A 167 -15.24 7.39 -3.00
CA ARG A 167 -15.45 5.95 -3.01
C ARG A 167 -15.57 5.35 -4.42
N ARG A 168 -16.29 6.04 -5.30
CA ARG A 168 -16.46 5.57 -6.66
C ARG A 168 -15.11 5.24 -7.31
N ILE A 169 -14.09 6.05 -7.03
CA ILE A 169 -12.76 5.82 -7.59
C ILE A 169 -12.06 4.66 -6.89
N VAL A 170 -12.16 4.62 -5.56
CA VAL A 170 -11.54 3.55 -4.80
C VAL A 170 -12.17 2.21 -5.20
N GLN A 171 -13.47 2.21 -5.48
CA GLN A 171 -14.15 0.99 -5.88
C GLN A 171 -13.52 0.49 -7.17
N SER A 172 -13.36 1.41 -8.12
CA SER A 172 -12.80 1.05 -9.42
C SER A 172 -11.38 0.52 -9.31
N MET A 173 -10.60 1.08 -8.38
CA MET A 173 -9.21 0.64 -8.20
C MET A 173 -9.05 -0.71 -7.50
N THR A 174 -10.15 -1.37 -7.15
CA THR A 174 -10.05 -2.67 -6.50
C THR A 174 -9.63 -3.72 -7.53
N GLU A 175 -9.38 -3.27 -8.76
CA GLU A 175 -8.93 -4.17 -9.82
C GLU A 175 -7.55 -4.71 -9.48
N LEU A 176 -6.91 -4.13 -8.47
CA LEU A 176 -5.60 -4.58 -8.04
C LEU A 176 -5.71 -6.03 -7.57
N ILE A 177 -6.83 -6.35 -6.91
CA ILE A 177 -7.06 -7.69 -6.39
C ILE A 177 -6.98 -8.78 -7.46
N PRO A 178 -7.74 -8.66 -8.56
CA PRO A 178 -7.69 -9.69 -9.60
C PRO A 178 -6.28 -9.74 -10.19
N GLY A 179 -5.56 -8.62 -10.09
CA GLY A 179 -4.21 -8.56 -10.61
C GLY A 179 -3.32 -9.41 -9.73
N LEU A 180 -3.40 -9.19 -8.43
CA LEU A 180 -2.62 -9.93 -7.45
C LEU A 180 -3.00 -11.41 -7.33
N GLN A 181 -4.30 -11.68 -7.29
CA GLN A 181 -4.78 -13.05 -7.14
C GLN A 181 -5.12 -13.76 -8.45
N GLY A 182 -5.41 -12.98 -9.48
CA GLY A 182 -5.80 -13.58 -10.75
C GLY A 182 -7.31 -13.46 -10.86
N ASP A 183 -7.84 -13.44 -12.08
CA ASP A 183 -9.28 -13.33 -12.27
C ASP A 183 -10.04 -14.54 -11.75
N VAL A 184 -11.21 -14.28 -11.18
CA VAL A 184 -12.05 -15.33 -10.63
C VAL A 184 -12.90 -15.95 -11.76
N PRO A 185 -13.29 -17.22 -11.59
CA PRO A 185 -14.12 -17.94 -12.58
C PRO A 185 -15.42 -17.20 -12.86
N LYS A 186 -16.05 -17.50 -13.99
CA LYS A 186 -17.30 -16.83 -14.34
C LYS A 186 -18.43 -17.25 -13.40
N ASP A 187 -18.32 -18.42 -12.81
CA ASP A 187 -19.36 -18.91 -11.89
C ASP A 187 -19.25 -18.19 -10.54
N PHE A 188 -18.02 -18.11 -10.04
CA PHE A 188 -17.66 -17.49 -8.77
C PHE A 188 -18.74 -16.82 -7.93
N THR A 189 -18.80 -17.24 -6.66
CA THR A 189 -19.76 -16.67 -5.72
C THR A 189 -19.10 -15.55 -4.95
N SER A 190 -19.71 -14.37 -4.96
CA SER A 190 -19.13 -13.24 -4.24
C SER A 190 -18.94 -13.59 -2.77
N GLY A 191 -17.75 -13.29 -2.25
CA GLY A 191 -17.46 -13.58 -0.86
C GLY A 191 -16.48 -14.72 -0.69
N MET A 192 -16.35 -15.58 -1.69
CA MET A 192 -15.42 -16.69 -1.60
C MET A 192 -13.99 -16.20 -1.85
N PRO A 193 -12.99 -16.90 -1.28
CA PRO A 193 -11.59 -16.51 -1.45
C PRO A 193 -11.10 -17.06 -2.78
N PHE A 194 -10.08 -16.43 -3.36
CA PHE A 194 -9.55 -16.92 -4.62
C PHE A 194 -8.12 -16.51 -4.91
N VAL A 195 -7.35 -17.44 -5.49
CA VAL A 195 -5.97 -17.23 -5.89
C VAL A 195 -5.71 -18.28 -6.99
N ALA A 196 -5.31 -17.82 -8.17
CA ALA A 196 -5.07 -18.70 -9.31
C ALA A 196 -4.08 -19.83 -9.12
N GLY A 197 -2.91 -19.52 -8.57
CA GLY A 197 -1.92 -20.57 -8.38
C GLY A 197 -0.62 -20.07 -7.79
N LYS A 198 0.45 -20.82 -8.00
CA LYS A 198 1.74 -20.46 -7.45
C LYS A 198 2.36 -19.17 -7.99
N ASN A 199 1.76 -18.58 -9.01
CA ASN A 199 2.28 -17.34 -9.58
C ASN A 199 1.46 -16.12 -9.19
N LYS A 200 0.52 -16.35 -8.27
CA LYS A 200 -0.33 -15.28 -7.77
C LYS A 200 -0.22 -15.31 -6.25
N VAL A 201 -0.74 -14.27 -5.61
CA VAL A 201 -0.68 -14.20 -4.16
C VAL A 201 -2.04 -13.90 -3.60
N ALA A 202 -2.23 -14.22 -2.32
CA ALA A 202 -3.49 -13.94 -1.65
C ALA A 202 -3.46 -12.44 -1.39
N ALA A 203 -4.60 -11.77 -1.54
CA ALA A 203 -4.66 -10.33 -1.32
C ALA A 203 -5.31 -10.03 0.02
N CYS A 204 -5.42 -8.74 0.34
CA CYS A 204 -6.01 -8.33 1.60
C CYS A 204 -6.60 -6.93 1.56
N ALA A 205 -7.92 -6.83 1.66
CA ALA A 205 -8.59 -5.54 1.65
C ALA A 205 -8.48 -4.97 3.07
N LYS A 206 -7.87 -3.79 3.20
CA LYS A 206 -7.69 -3.17 4.51
C LYS A 206 -7.96 -1.67 4.46
N HIS A 207 -8.29 -1.04 5.59
CA HIS A 207 -8.44 -1.66 6.90
C HIS A 207 -9.91 -1.52 7.30
N PHE A 208 -10.61 -2.65 7.40
CA PHE A 208 -12.02 -2.69 7.75
C PHE A 208 -12.30 -2.14 9.14
N VAL A 209 -13.03 -1.03 9.26
CA VAL A 209 -13.61 -0.24 8.17
C VAL A 209 -13.66 1.22 8.60
N GLY A 210 -13.59 2.14 7.63
CA GLY A 210 -13.63 3.56 7.93
C GLY A 210 -12.31 4.12 8.43
N ASP A 211 -11.23 3.39 8.19
CA ASP A 211 -9.91 3.84 8.64
C ASP A 211 -9.53 5.19 8.04
N GLY A 212 -10.14 5.54 6.90
CA GLY A 212 -9.82 6.80 6.28
C GLY A 212 -10.77 7.92 6.66
N GLY A 213 -11.53 7.71 7.74
CA GLY A 213 -12.47 8.72 8.16
C GLY A 213 -12.36 9.19 9.60
N THR A 214 -11.18 9.08 10.19
CA THR A 214 -11.00 9.52 11.58
C THR A 214 -11.05 11.04 11.67
N VAL A 215 -11.41 11.56 12.83
CA VAL A 215 -11.49 13.01 13.01
C VAL A 215 -10.11 13.66 12.89
N ASP A 216 -10.06 14.77 12.15
CA ASP A 216 -8.83 15.51 11.93
C ASP A 216 -7.78 14.64 11.26
N GLY A 217 -8.20 13.48 10.79
CA GLY A 217 -7.30 12.58 10.13
C GLY A 217 -6.26 12.02 11.08
N ILE A 218 -6.58 11.97 12.37
CA ILE A 218 -5.63 11.42 13.34
C ILE A 218 -5.63 9.92 13.10
N ASN A 219 -4.44 9.37 12.87
CA ASN A 219 -4.30 7.95 12.62
C ASN A 219 -4.79 7.06 13.76
N GLU A 220 -5.41 5.94 13.39
CA GLU A 220 -5.92 4.97 14.36
C GLU A 220 -6.99 5.52 15.30
N ASN A 221 -7.45 6.74 15.06
CA ASN A 221 -8.43 7.36 15.95
C ASN A 221 -9.89 6.97 15.75
N ASN A 222 -10.79 7.88 16.12
CA ASN A 222 -12.23 7.63 16.05
C ASN A 222 -12.89 8.19 14.79
N THR A 223 -13.73 7.37 14.16
CA THR A 223 -14.46 7.77 12.96
C THR A 223 -15.90 8.04 13.39
N ILE A 224 -16.29 9.31 13.42
CA ILE A 224 -17.63 9.69 13.84
C ILE A 224 -18.54 9.96 12.63
N ILE A 225 -19.43 9.03 12.35
CA ILE A 225 -20.34 9.16 11.22
C ILE A 225 -21.50 8.19 11.42
N ASN A 226 -22.70 8.59 11.01
CA ASN A 226 -23.85 7.72 11.17
C ASN A 226 -23.65 6.49 10.31
N ARG A 227 -24.47 5.47 10.50
CA ARG A 227 -24.35 4.24 9.73
C ARG A 227 -24.58 4.45 8.24
N GLU A 228 -25.36 5.47 7.89
CA GLU A 228 -25.64 5.76 6.49
C GLU A 228 -24.35 6.14 5.79
N GLY A 229 -23.58 7.03 6.41
CA GLY A 229 -22.33 7.47 5.84
C GLY A 229 -21.24 6.42 5.83
N LEU A 230 -21.16 5.62 6.88
CA LEU A 230 -20.16 4.57 6.96
C LEU A 230 -20.35 3.64 5.76
N MET A 231 -21.61 3.37 5.44
CA MET A 231 -21.98 2.48 4.34
C MET A 231 -21.96 3.12 2.96
N ASN A 232 -22.17 4.43 2.92
CA ASN A 232 -22.20 5.19 1.67
C ASN A 232 -20.79 5.55 1.19
N ILE A 233 -19.90 5.81 2.15
CA ILE A 233 -18.54 6.21 1.85
C ILE A 233 -17.43 5.17 2.05
N HIS A 234 -17.34 4.61 3.25
CA HIS A 234 -16.27 3.67 3.55
C HIS A 234 -16.48 2.18 3.26
N MET A 235 -17.73 1.76 3.12
CA MET A 235 -18.02 0.35 2.90
C MET A 235 -18.04 -0.16 1.45
N PRO A 236 -18.55 0.64 0.50
CA PRO A 236 -18.61 0.20 -0.90
C PRO A 236 -17.49 -0.68 -1.47
N ALA A 237 -16.27 -0.18 -1.53
CA ALA A 237 -15.14 -0.93 -2.08
C ALA A 237 -15.03 -2.37 -1.57
N TYR A 238 -15.39 -2.59 -0.31
CA TYR A 238 -15.35 -3.92 0.28
C TYR A 238 -16.28 -4.89 -0.44
N LYS A 239 -17.43 -4.37 -0.87
CA LYS A 239 -18.38 -5.18 -1.59
C LYS A 239 -17.76 -5.59 -2.91
N ASN A 240 -16.98 -4.69 -3.51
CA ASN A 240 -16.31 -4.98 -4.78
C ASN A 240 -15.24 -6.05 -4.55
N ALA A 241 -14.51 -5.92 -3.44
CA ALA A 241 -13.47 -6.87 -3.08
C ALA A 241 -14.10 -8.25 -2.91
N MET A 242 -15.32 -8.29 -2.40
CA MET A 242 -16.02 -9.54 -2.21
C MET A 242 -16.30 -10.15 -3.60
N ASP A 243 -16.84 -9.33 -4.50
CA ASP A 243 -17.14 -9.79 -5.87
C ASP A 243 -15.89 -10.26 -6.61
N LYS A 244 -14.74 -9.71 -6.25
CA LYS A 244 -13.52 -10.09 -6.92
C LYS A 244 -12.71 -11.13 -6.16
N GLY A 245 -13.33 -11.68 -5.13
CA GLY A 245 -12.71 -12.73 -4.34
C GLY A 245 -11.47 -12.44 -3.52
N VAL A 246 -11.37 -11.25 -2.94
CA VAL A 246 -10.21 -10.95 -2.11
C VAL A 246 -10.13 -12.07 -1.05
N SER A 247 -8.94 -12.61 -0.85
CA SER A 247 -8.77 -13.71 0.10
C SER A 247 -8.85 -13.37 1.57
N THR A 248 -8.37 -12.18 1.94
CA THR A 248 -8.42 -11.80 3.35
C THR A 248 -8.82 -10.35 3.55
N VAL A 249 -9.15 -10.01 4.78
CA VAL A 249 -9.52 -8.66 5.16
C VAL A 249 -8.84 -8.34 6.49
N MET A 250 -8.17 -7.20 6.55
CA MET A 250 -7.49 -6.80 7.78
C MET A 250 -8.38 -5.78 8.50
N ILE A 251 -8.49 -5.93 9.82
CA ILE A 251 -9.30 -5.03 10.63
C ILE A 251 -8.48 -3.78 10.97
N SER A 252 -9.14 -2.62 11.01
CA SER A 252 -8.48 -1.34 11.30
C SER A 252 -8.28 -1.04 12.79
N TYR A 253 -7.24 -0.27 13.09
CA TYR A 253 -6.94 0.13 14.47
C TYR A 253 -8.03 1.10 14.91
N SER A 254 -8.57 1.82 13.95
CA SER A 254 -9.59 2.84 14.20
C SER A 254 -10.85 2.36 14.90
N SER A 255 -11.65 3.32 15.33
CA SER A 255 -12.91 3.04 16.00
C SER A 255 -14.04 3.68 15.23
N TRP A 256 -15.26 3.17 15.42
CA TRP A 256 -16.44 3.72 14.79
C TRP A 256 -17.41 4.14 15.88
N ASN A 257 -17.53 5.45 16.08
CA ASN A 257 -18.40 5.98 17.10
C ASN A 257 -18.02 5.45 18.47
N GLY A 258 -16.72 5.42 18.76
CA GLY A 258 -16.24 4.96 20.04
C GLY A 258 -15.98 3.47 20.21
N VAL A 259 -16.40 2.65 19.26
CA VAL A 259 -16.19 1.21 19.35
C VAL A 259 -14.99 0.76 18.50
N LYS A 260 -14.03 0.08 19.14
CA LYS A 260 -12.85 -0.40 18.44
C LYS A 260 -13.24 -1.45 17.39
N MET A 261 -12.74 -1.27 16.17
CA MET A 261 -13.05 -2.22 15.10
C MET A 261 -12.63 -3.65 15.49
N HIS A 262 -11.50 -3.77 16.17
CA HIS A 262 -11.00 -5.07 16.58
C HIS A 262 -11.92 -5.75 17.60
N ALA A 263 -12.94 -5.03 18.04
CA ALA A 263 -13.87 -5.60 19.01
C ALA A 263 -15.33 -5.46 18.57
N ASN A 264 -15.53 -5.07 17.32
CA ASN A 264 -16.88 -4.87 16.81
C ASN A 264 -17.44 -6.12 16.13
N GLN A 265 -18.14 -6.92 16.92
CA GLN A 265 -18.75 -8.15 16.44
C GLN A 265 -19.84 -7.86 15.40
N ASP A 266 -20.52 -6.72 15.55
CA ASP A 266 -21.59 -6.35 14.62
C ASP A 266 -21.08 -6.16 13.20
N LEU A 267 -19.96 -5.47 13.07
CA LEU A 267 -19.37 -5.21 11.76
C LEU A 267 -18.55 -6.38 11.21
N VAL A 268 -17.67 -6.93 12.03
CA VAL A 268 -16.83 -8.04 11.58
C VAL A 268 -17.62 -9.32 11.32
N THR A 269 -18.47 -9.71 12.27
CA THR A 269 -19.25 -10.94 12.10
C THR A 269 -20.64 -10.71 11.53
N GLY A 270 -21.37 -9.76 12.12
CA GLY A 270 -22.71 -9.47 11.66
C GLY A 270 -22.77 -8.97 10.23
N TYR A 271 -21.86 -8.09 9.87
CA TYR A 271 -21.84 -7.53 8.51
C TYR A 271 -20.90 -8.19 7.50
N LEU A 272 -19.60 -8.07 7.73
CA LEU A 272 -18.61 -8.63 6.81
C LEU A 272 -18.79 -10.11 6.50
N LYS A 273 -19.01 -10.92 7.54
CA LYS A 273 -19.19 -12.34 7.33
C LYS A 273 -20.63 -12.74 7.00
N ASP A 274 -21.57 -12.37 7.88
CA ASP A 274 -22.97 -12.73 7.65
C ASP A 274 -23.71 -12.01 6.51
N THR A 275 -23.46 -10.71 6.35
CA THR A 275 -24.14 -9.93 5.31
C THR A 275 -23.43 -9.98 3.95
N LEU A 276 -22.18 -9.52 3.90
CA LEU A 276 -21.42 -9.54 2.64
C LEU A 276 -21.00 -10.98 2.30
N LYS A 277 -21.21 -11.88 3.26
CA LYS A 277 -20.89 -13.29 3.11
C LYS A 277 -19.44 -13.63 2.75
N PHE A 278 -18.52 -12.92 3.39
CA PHE A 278 -17.09 -13.12 3.21
C PHE A 278 -16.76 -14.50 3.77
N LYS A 279 -16.10 -15.32 2.95
CA LYS A 279 -15.74 -16.67 3.35
C LYS A 279 -14.22 -16.86 3.51
N GLY A 280 -13.46 -15.81 3.25
CA GLY A 280 -12.02 -15.89 3.40
C GLY A 280 -11.71 -15.69 4.87
N PHE A 281 -10.49 -15.28 5.21
CA PHE A 281 -10.21 -15.08 6.62
C PHE A 281 -9.91 -13.64 7.03
N VAL A 282 -10.40 -13.29 8.22
CA VAL A 282 -10.22 -11.95 8.76
C VAL A 282 -8.99 -11.94 9.67
N ILE A 283 -8.05 -11.05 9.39
CA ILE A 283 -6.83 -10.94 10.17
C ILE A 283 -6.79 -9.58 10.86
N SER A 284 -6.10 -9.52 11.99
CA SER A 284 -5.97 -8.28 12.75
C SER A 284 -4.80 -7.46 12.17
N ASP A 285 -4.52 -6.33 12.80
CA ASP A 285 -3.42 -5.49 12.38
C ASP A 285 -2.33 -5.69 13.45
N TRP A 286 -1.14 -5.12 13.19
CA TRP A 286 0.00 -5.21 14.10
C TRP A 286 -0.36 -4.81 15.52
N GLU A 287 -0.54 -5.79 16.39
CA GLU A 287 -0.90 -5.54 17.78
C GLU A 287 -2.27 -4.87 17.85
N GLY A 288 -3.07 -5.11 16.81
CA GLY A 288 -4.41 -4.55 16.74
C GLY A 288 -5.25 -4.80 17.98
N ILE A 289 -5.32 -6.05 18.43
CA ILE A 289 -6.10 -6.37 19.61
C ILE A 289 -5.51 -5.74 20.87
N ASP A 290 -4.19 -5.60 20.92
CA ASP A 290 -3.54 -5.00 22.08
C ASP A 290 -4.11 -3.60 22.31
N ARG A 291 -4.25 -2.86 21.22
CA ARG A 291 -4.72 -1.49 21.29
C ARG A 291 -6.21 -1.31 21.52
N ILE A 292 -6.93 -2.40 21.74
CA ILE A 292 -8.35 -2.29 22.01
C ILE A 292 -8.48 -1.59 23.34
N THR A 293 -7.61 -1.97 24.27
CA THR A 293 -7.59 -1.37 25.60
C THR A 293 -6.68 -0.15 25.57
N THR A 294 -6.71 0.62 26.64
CA THR A 294 -5.87 1.80 26.74
C THR A 294 -5.51 2.00 28.22
N PRO A 295 -4.22 1.90 28.55
CA PRO A 295 -3.07 1.63 27.67
C PRO A 295 -3.23 0.33 26.85
N ALA A 296 -2.53 0.28 25.73
CA ALA A 296 -2.56 -0.90 24.88
C ALA A 296 -1.89 -2.00 25.68
N GLY A 297 -2.42 -3.22 25.56
CA GLY A 297 -1.84 -4.34 26.29
C GLY A 297 -2.13 -4.38 27.78
N SER A 298 -2.73 -3.33 28.32
CA SER A 298 -3.03 -3.29 29.75
C SER A 298 -3.93 -4.44 30.21
N ASP A 299 -4.50 -5.18 29.26
CA ASP A 299 -5.36 -6.33 29.58
C ASP A 299 -5.44 -7.25 28.36
N TYR A 300 -4.33 -7.92 28.06
CA TYR A 300 -4.24 -8.81 26.91
C TYR A 300 -5.31 -9.89 26.91
N SER A 301 -5.68 -10.34 28.11
CA SER A 301 -6.69 -11.37 28.24
C SER A 301 -7.98 -10.89 27.57
N TYR A 302 -8.40 -9.67 27.93
CA TYR A 302 -9.61 -9.08 27.37
C TYR A 302 -9.43 -8.92 25.85
N SER A 303 -8.25 -8.46 25.44
CA SER A 303 -7.95 -8.27 24.03
C SER A 303 -8.29 -9.51 23.21
N VAL A 304 -7.79 -10.66 23.67
CA VAL A 304 -8.04 -11.91 22.96
C VAL A 304 -9.51 -12.30 22.95
N LYS A 305 -10.16 -12.18 24.10
CA LYS A 305 -11.56 -12.52 24.22
C LYS A 305 -12.43 -11.68 23.30
N ALA A 306 -12.25 -10.38 23.36
CA ALA A 306 -13.03 -9.45 22.55
C ALA A 306 -12.83 -9.60 21.05
N SER A 307 -11.58 -9.68 20.63
CA SER A 307 -11.25 -9.82 19.21
C SER A 307 -11.72 -11.15 18.61
N ILE A 308 -11.45 -12.25 19.30
CA ILE A 308 -11.86 -13.55 18.80
C ILE A 308 -13.38 -13.68 18.76
N LEU A 309 -14.07 -13.22 19.80
CA LEU A 309 -15.53 -13.30 19.83
C LEU A 309 -16.13 -12.34 18.79
N ALA A 310 -15.42 -11.27 18.48
CA ALA A 310 -15.87 -10.29 17.50
C ALA A 310 -15.90 -10.93 16.11
N GLY A 311 -15.11 -11.99 15.92
CA GLY A 311 -15.08 -12.67 14.64
C GLY A 311 -13.74 -12.82 13.94
N LEU A 312 -12.69 -12.17 14.45
CA LEU A 312 -11.39 -12.27 13.82
C LEU A 312 -10.94 -13.73 13.79
N ASP A 313 -10.27 -14.12 12.72
CA ASP A 313 -9.82 -15.50 12.54
C ASP A 313 -8.34 -15.72 12.79
N MET A 314 -7.50 -14.79 12.32
CA MET A 314 -6.05 -14.89 12.50
C MET A 314 -5.53 -13.64 13.16
N ILE A 315 -4.63 -13.80 14.13
CA ILE A 315 -4.08 -12.66 14.84
C ILE A 315 -2.62 -12.38 14.53
N MET A 316 -2.33 -11.12 14.27
CA MET A 316 -0.97 -10.67 13.98
C MET A 316 -0.42 -10.16 15.32
N VAL A 317 0.03 -11.10 16.14
CA VAL A 317 0.53 -10.81 17.49
C VAL A 317 1.42 -9.57 17.68
N PRO A 318 2.60 -9.52 17.06
CA PRO A 318 3.25 -10.50 16.19
C PRO A 318 4.48 -11.08 16.87
N ASN A 319 4.74 -10.66 18.11
CA ASN A 319 5.90 -11.15 18.84
C ASN A 319 5.60 -12.09 20.01
N LYS A 320 4.80 -11.61 20.95
CA LYS A 320 4.46 -12.40 22.14
C LYS A 320 3.44 -13.49 21.85
N TYR A 321 3.86 -14.47 21.06
CA TYR A 321 3.00 -15.58 20.68
C TYR A 321 2.73 -16.53 21.84
N GLN A 322 3.68 -16.62 22.78
CA GLN A 322 3.48 -17.50 23.91
C GLN A 322 2.30 -16.96 24.69
N GLN A 323 2.33 -15.66 24.98
CA GLN A 323 1.24 -15.04 25.71
C GLN A 323 -0.08 -15.23 24.97
N PHE A 324 -0.09 -14.95 23.67
CA PHE A 324 -1.31 -15.10 22.87
C PHE A 324 -1.86 -16.52 22.94
N ILE A 325 -1.06 -17.49 22.54
CA ILE A 325 -1.50 -18.88 22.54
C ILE A 325 -1.94 -19.36 23.93
N SER A 326 -1.19 -18.98 24.96
CA SER A 326 -1.53 -19.42 26.30
C SER A 326 -2.91 -18.91 26.72
N ILE A 327 -3.12 -17.61 26.57
CA ILE A 327 -4.37 -16.97 26.94
C ILE A 327 -5.59 -17.49 26.17
N LEU A 328 -5.46 -17.65 24.86
CA LEU A 328 -6.57 -18.14 24.07
C LEU A 328 -6.90 -19.58 24.49
N THR A 329 -5.85 -20.37 24.74
CA THR A 329 -6.06 -21.74 25.16
C THR A 329 -6.89 -21.73 26.44
N GLY A 330 -6.48 -20.91 27.41
CA GLY A 330 -7.21 -20.83 28.66
C GLY A 330 -8.68 -20.56 28.44
N HIS A 331 -8.98 -19.52 27.66
CA HIS A 331 -10.35 -19.16 27.37
C HIS A 331 -11.17 -20.30 26.78
N VAL A 332 -10.59 -21.05 25.85
CA VAL A 332 -11.33 -22.16 25.25
C VAL A 332 -11.55 -23.23 26.31
N ASN A 333 -10.47 -23.62 27.00
CA ASN A 333 -10.59 -24.64 28.04
C ASN A 333 -11.65 -24.24 29.08
N GLY A 334 -11.81 -22.95 29.31
CA GLY A 334 -12.77 -22.48 30.29
C GLY A 334 -14.17 -22.20 29.78
N GLY A 335 -14.37 -22.35 28.47
CA GLY A 335 -15.68 -22.10 27.89
C GLY A 335 -16.00 -20.66 27.55
N VAL A 336 -15.03 -19.75 27.75
CA VAL A 336 -15.23 -18.34 27.44
C VAL A 336 -15.37 -18.17 25.92
N ILE A 337 -14.65 -18.99 25.18
CA ILE A 337 -14.72 -18.96 23.71
C ILE A 337 -15.06 -20.37 23.28
N PRO A 338 -16.17 -20.53 22.53
CA PRO A 338 -16.64 -21.83 22.03
C PRO A 338 -15.74 -22.41 20.95
N MET A 339 -15.72 -23.73 20.86
CA MET A 339 -14.92 -24.39 19.85
C MET A 339 -15.41 -23.99 18.46
N SER A 340 -16.70 -23.65 18.36
CA SER A 340 -17.25 -23.27 17.06
C SER A 340 -16.60 -21.99 16.54
N ARG A 341 -16.19 -21.11 17.46
CA ARG A 341 -15.55 -19.87 17.06
C ARG A 341 -14.17 -20.22 16.50
N ILE A 342 -13.49 -21.14 17.17
CA ILE A 342 -12.16 -21.61 16.77
C ILE A 342 -12.24 -22.37 15.44
N ASP A 343 -13.18 -23.31 15.35
CA ASP A 343 -13.36 -24.10 14.14
C ASP A 343 -13.70 -23.22 12.94
N ASP A 344 -14.51 -22.19 13.17
CA ASP A 344 -14.87 -21.28 12.09
C ASP A 344 -13.60 -20.59 11.61
N ALA A 345 -12.83 -20.05 12.55
CA ALA A 345 -11.59 -19.35 12.23
C ALA A 345 -10.65 -20.27 11.47
N VAL A 346 -10.40 -21.45 12.02
CA VAL A 346 -9.50 -22.40 11.38
C VAL A 346 -10.03 -22.86 10.03
N THR A 347 -11.36 -22.91 9.89
CA THR A 347 -11.98 -23.30 8.63
C THR A 347 -11.64 -22.29 7.54
N ARG A 348 -11.81 -21.01 7.86
CA ARG A 348 -11.52 -19.93 6.92
C ARG A 348 -10.05 -19.87 6.55
N ILE A 349 -9.16 -20.00 7.55
CA ILE A 349 -7.74 -19.96 7.28
C ILE A 349 -7.33 -21.11 6.37
N LEU A 350 -7.83 -22.30 6.66
CA LEU A 350 -7.52 -23.47 5.85
C LEU A 350 -8.13 -23.36 4.46
N ARG A 351 -9.33 -22.81 4.37
CA ARG A 351 -9.96 -22.66 3.06
C ARG A 351 -9.06 -21.83 2.14
N VAL A 352 -8.53 -20.74 2.68
CA VAL A 352 -7.66 -19.88 1.90
C VAL A 352 -6.38 -20.61 1.47
N LYS A 353 -5.75 -21.33 2.39
CA LYS A 353 -4.53 -22.05 2.06
C LYS A 353 -4.72 -23.15 1.00
N PHE A 354 -5.83 -23.88 1.11
CA PHE A 354 -6.15 -24.93 0.13
C PHE A 354 -6.49 -24.33 -1.23
N THR A 355 -7.31 -23.28 -1.21
CA THR A 355 -7.74 -22.64 -2.44
C THR A 355 -6.58 -22.07 -3.26
N MET A 356 -5.60 -21.48 -2.58
CA MET A 356 -4.46 -20.90 -3.28
C MET A 356 -3.42 -21.94 -3.68
N GLY A 357 -3.66 -23.19 -3.31
CA GLY A 357 -2.73 -24.25 -3.63
C GLY A 357 -1.50 -24.37 -2.75
N LEU A 358 -1.55 -23.83 -1.53
CA LEU A 358 -0.40 -23.90 -0.62
C LEU A 358 0.05 -25.31 -0.30
N PHE A 359 -0.89 -26.26 -0.22
CA PHE A 359 -0.52 -27.63 0.10
C PHE A 359 0.18 -28.31 -1.07
N GLU A 360 -0.08 -27.81 -2.27
CA GLU A 360 0.56 -28.37 -3.44
C GLU A 360 1.88 -27.67 -3.71
N ASN A 361 1.96 -26.38 -3.40
CA ASN A 361 3.20 -25.65 -3.64
C ASN A 361 3.62 -24.81 -2.45
N PRO A 362 4.05 -25.47 -1.36
CA PRO A 362 4.50 -24.84 -0.12
C PRO A 362 5.82 -24.12 -0.26
N TYR A 363 6.62 -24.53 -1.24
CA TYR A 363 7.94 -23.91 -1.43
C TYR A 363 8.08 -22.93 -2.58
N ALA A 364 9.14 -22.14 -2.51
CA ALA A 364 9.43 -21.13 -3.52
C ALA A 364 9.91 -21.74 -4.83
N ASP A 365 9.68 -21.00 -5.92
CA ASP A 365 10.09 -21.42 -7.25
C ASP A 365 11.32 -20.59 -7.59
N PRO A 366 12.50 -21.22 -7.66
CA PRO A 366 13.75 -20.53 -7.98
C PRO A 366 13.70 -19.82 -9.32
N ALA A 367 12.91 -20.34 -10.25
CA ALA A 367 12.80 -19.74 -11.57
C ALA A 367 12.15 -18.36 -11.51
N MET A 368 11.43 -18.11 -10.43
CA MET A 368 10.74 -16.83 -10.25
C MET A 368 11.67 -15.70 -9.78
N ALA A 369 12.83 -16.06 -9.24
CA ALA A 369 13.78 -15.08 -8.74
C ALA A 369 13.99 -13.87 -9.64
N GLU A 370 14.12 -14.11 -10.95
CA GLU A 370 14.35 -13.02 -11.89
C GLU A 370 13.16 -12.11 -12.17
N GLN A 371 12.03 -12.39 -11.55
CA GLN A 371 10.85 -11.54 -11.73
C GLN A 371 11.10 -10.23 -11.00
N LEU A 372 11.87 -10.31 -9.92
CA LEU A 372 12.19 -9.14 -9.10
C LEU A 372 12.95 -8.10 -9.92
N GLY A 373 12.32 -6.93 -10.08
CA GLY A 373 12.95 -5.87 -10.83
C GLY A 373 13.00 -6.09 -12.33
N LYS A 374 12.20 -7.02 -12.85
CA LYS A 374 12.21 -7.28 -14.29
C LYS A 374 11.91 -5.95 -14.98
N GLN A 375 12.70 -5.61 -16.01
CA GLN A 375 12.56 -4.35 -16.73
C GLN A 375 11.15 -4.02 -17.19
N GLU A 376 10.37 -5.03 -17.58
CA GLU A 376 9.02 -4.76 -18.02
C GLU A 376 8.16 -4.18 -16.89
N HIS A 377 8.41 -4.61 -15.66
CA HIS A 377 7.65 -4.09 -14.53
C HIS A 377 8.01 -2.62 -14.36
N ARG A 378 9.31 -2.32 -14.48
CA ARG A 378 9.79 -0.96 -14.34
C ARG A 378 9.18 -0.10 -15.44
N ASP A 379 9.00 -0.68 -16.63
CA ASP A 379 8.40 0.05 -17.74
C ASP A 379 6.95 0.35 -17.39
N LEU A 380 6.29 -0.62 -16.75
CA LEU A 380 4.91 -0.45 -16.34
C LEU A 380 4.87 0.70 -15.32
N ALA A 381 5.74 0.65 -14.32
CA ALA A 381 5.82 1.67 -13.28
C ALA A 381 6.06 3.03 -13.91
N ARG A 382 6.89 3.04 -14.93
CA ARG A 382 7.22 4.26 -15.64
C ARG A 382 5.94 4.80 -16.26
N GLU A 383 5.15 3.93 -16.86
CA GLU A 383 3.89 4.33 -17.47
C GLU A 383 2.95 4.88 -16.39
N ALA A 384 2.86 4.19 -15.27
CA ALA A 384 2.00 4.62 -14.18
C ALA A 384 2.48 5.94 -13.55
N ALA A 385 3.79 6.11 -13.46
CA ALA A 385 4.34 7.32 -12.88
C ALA A 385 3.92 8.49 -13.75
N ARG A 386 4.10 8.33 -15.05
CA ARG A 386 3.74 9.36 -16.02
C ARG A 386 2.23 9.67 -15.96
N LYS A 387 1.42 8.62 -16.04
CA LYS A 387 -0.03 8.78 -16.00
C LYS A 387 -0.58 9.35 -14.70
N SER A 388 0.20 9.28 -13.63
CA SER A 388 -0.27 9.77 -12.35
C SER A 388 -0.02 11.25 -12.13
N LEU A 389 0.91 11.83 -12.90
CA LEU A 389 1.25 13.25 -12.75
C LEU A 389 0.07 14.16 -13.05
N VAL A 390 -0.10 15.20 -12.24
CA VAL A 390 -1.18 16.13 -12.47
C VAL A 390 -0.61 17.53 -12.67
N LEU A 391 -0.80 18.08 -13.86
CA LEU A 391 -0.33 19.41 -14.21
C LEU A 391 -1.33 20.40 -13.62
N LEU A 392 -0.87 21.25 -12.71
CA LEU A 392 -1.74 22.24 -12.08
C LEU A 392 -1.59 23.63 -12.68
N LYS A 393 -0.46 23.86 -13.33
CA LYS A 393 -0.19 25.15 -13.95
C LYS A 393 0.85 25.00 -15.05
N ASN A 394 0.64 25.70 -16.15
CA ASN A 394 1.56 25.63 -17.28
C ASN A 394 1.59 26.98 -17.99
N GLY A 395 1.99 28.01 -17.23
CA GLY A 395 2.05 29.36 -17.75
C GLY A 395 1.58 30.35 -16.68
N LYS A 396 2.30 31.45 -16.52
CA LYS A 396 1.92 32.44 -15.52
C LYS A 396 0.69 33.25 -15.89
N THR A 397 0.49 33.50 -17.18
CA THR A 397 -0.68 34.27 -17.61
C THR A 397 -1.32 33.62 -18.82
N SER A 398 -2.57 33.97 -19.08
CA SER A 398 -3.31 33.43 -20.21
C SER A 398 -2.57 33.61 -21.54
N THR A 399 -1.74 34.64 -21.63
CA THR A 399 -1.03 34.89 -22.87
C THR A 399 0.40 34.35 -22.94
N ASP A 400 0.90 33.88 -21.81
CA ASP A 400 2.25 33.30 -21.77
C ASP A 400 2.32 32.07 -22.65
N ALA A 401 3.51 31.76 -23.13
CA ALA A 401 3.72 30.57 -23.95
C ALA A 401 3.79 29.41 -22.96
N PRO A 402 3.17 28.27 -23.29
CA PRO A 402 3.22 27.12 -22.38
C PRO A 402 4.66 26.64 -22.17
N LEU A 403 5.11 26.63 -20.92
CA LEU A 403 6.45 26.17 -20.61
C LEU A 403 6.65 24.70 -20.95
N LEU A 404 5.66 23.87 -20.60
CA LEU A 404 5.70 22.44 -20.88
C LEU A 404 4.93 22.14 -22.16
N PRO A 405 5.43 21.18 -22.97
CA PRO A 405 6.63 20.36 -22.78
C PRO A 405 7.91 21.17 -22.97
N LEU A 406 8.97 20.74 -22.30
CA LEU A 406 10.27 21.39 -22.42
C LEU A 406 11.02 20.74 -23.58
N PRO A 407 11.91 21.51 -24.24
CA PRO A 407 12.72 21.02 -25.37
C PRO A 407 13.82 20.10 -24.87
N LYS A 408 14.07 19.01 -25.56
CA LYS A 408 15.14 18.12 -25.13
C LYS A 408 16.49 18.74 -25.51
N LYS A 409 16.48 19.65 -26.48
CA LYS A 409 17.71 20.29 -26.91
C LYS A 409 17.74 21.75 -26.48
N ALA A 410 18.67 22.05 -25.56
CA ALA A 410 18.85 23.40 -25.06
C ALA A 410 20.33 23.54 -24.71
N PRO A 411 20.88 24.75 -24.84
CA PRO A 411 22.29 24.94 -24.53
C PRO A 411 22.73 24.52 -23.12
N LYS A 412 21.93 24.88 -22.12
CA LYS A 412 22.28 24.57 -20.74
C LYS A 412 21.02 24.63 -19.89
N ILE A 413 20.80 23.63 -19.05
CA ILE A 413 19.60 23.63 -18.21
C ILE A 413 19.93 23.35 -16.75
N LEU A 414 19.06 23.79 -15.85
CA LEU A 414 19.26 23.57 -14.43
C LEU A 414 18.25 22.59 -13.82
N VAL A 415 18.75 21.68 -13.00
CA VAL A 415 17.91 20.70 -12.31
C VAL A 415 18.26 20.95 -10.86
N ALA A 416 17.26 21.28 -10.05
CA ALA A 416 17.52 21.58 -8.65
C ALA A 416 16.43 21.11 -7.70
N GLY A 417 16.71 21.23 -6.40
CA GLY A 417 15.75 20.82 -5.39
C GLY A 417 16.20 19.65 -4.54
N SER A 418 15.64 19.57 -3.34
CA SER A 418 15.97 18.50 -2.41
C SER A 418 15.48 17.15 -2.93
N HIS A 419 14.52 17.17 -3.85
CA HIS A 419 13.94 15.96 -4.42
C HIS A 419 14.36 15.63 -5.85
N ALA A 420 15.21 16.47 -6.43
CA ALA A 420 15.65 16.25 -7.80
C ALA A 420 16.50 14.99 -7.98
N ASP A 421 17.29 14.65 -6.96
CA ASP A 421 18.15 13.49 -7.03
C ASP A 421 18.18 12.71 -5.72
N ASN A 422 17.00 12.37 -5.21
CA ASN A 422 16.86 11.63 -3.96
C ASN A 422 15.82 10.52 -4.17
N LEU A 423 16.30 9.31 -4.49
CA LEU A 423 15.43 8.17 -4.76
C LEU A 423 14.50 7.83 -3.61
N GLY A 424 14.99 7.96 -2.40
CA GLY A 424 14.16 7.67 -1.24
C GLY A 424 12.97 8.61 -1.13
N TYR A 425 13.20 9.90 -1.36
CA TYR A 425 12.14 10.90 -1.28
C TYR A 425 11.10 10.65 -2.36
N GLN A 426 11.59 10.20 -3.51
CA GLN A 426 10.78 9.90 -4.67
C GLN A 426 9.81 8.75 -4.45
N CYS A 427 10.21 7.80 -3.59
CA CYS A 427 9.38 6.63 -3.30
C CYS A 427 8.44 6.81 -2.11
N GLY A 428 8.85 7.63 -1.14
CA GLY A 428 8.01 7.86 0.02
C GLY A 428 7.98 6.69 0.98
N GLY A 429 6.99 6.68 1.86
CA GLY A 429 6.87 5.61 2.84
C GLY A 429 6.79 4.21 2.25
N TRP A 430 6.99 3.21 3.11
CA TRP A 430 6.94 1.80 2.73
C TRP A 430 7.89 1.48 1.58
N THR A 431 9.16 1.86 1.74
CA THR A 431 10.16 1.56 0.72
C THR A 431 11.45 1.21 1.44
N ILE A 432 11.82 -0.08 1.38
CA ILE A 432 13.02 -0.59 2.03
C ILE A 432 12.85 -0.56 3.54
N GLU A 433 12.63 0.65 4.08
CA GLU A 433 12.41 0.81 5.51
C GLU A 433 10.92 0.99 5.71
N TRP A 434 10.46 0.87 6.95
CA TRP A 434 9.04 1.06 7.22
C TRP A 434 8.65 2.51 6.92
N GLN A 435 9.34 3.44 7.55
CA GLN A 435 9.07 4.88 7.37
C GLN A 435 9.69 5.43 6.09
N GLY A 436 10.19 4.54 5.22
CA GLY A 436 10.82 5.01 4.00
C GLY A 436 12.19 5.53 4.38
N ASP A 437 12.91 6.08 3.43
CA ASP A 437 14.24 6.57 3.75
C ASP A 437 14.70 7.63 2.75
N THR A 438 15.87 8.20 3.01
CA THR A 438 16.44 9.20 2.13
C THR A 438 17.66 8.64 1.41
N GLY A 439 17.91 9.10 0.19
CA GLY A 439 19.07 8.63 -0.56
C GLY A 439 18.86 7.48 -1.51
N ARG A 440 19.97 6.91 -1.98
CA ARG A 440 19.92 5.79 -2.92
C ARG A 440 19.73 4.46 -2.18
N THR A 441 18.52 4.25 -1.67
CA THR A 441 18.20 3.04 -0.92
C THR A 441 17.88 1.80 -1.74
N THR A 442 17.72 1.95 -3.05
CA THR A 442 17.43 0.81 -3.90
C THR A 442 17.76 1.11 -5.36
N VAL A 443 17.36 0.24 -6.26
CA VAL A 443 17.62 0.44 -7.68
C VAL A 443 16.53 1.31 -8.32
N GLY A 444 16.94 2.39 -8.96
CA GLY A 444 15.98 3.27 -9.60
C GLY A 444 16.62 4.42 -10.36
N THR A 445 15.79 5.36 -10.80
CA THR A 445 16.27 6.52 -11.53
C THR A 445 15.62 7.73 -10.91
N THR A 446 16.44 8.67 -10.43
CA THR A 446 15.93 9.88 -9.82
C THR A 446 15.50 10.84 -10.92
N ILE A 447 14.95 11.99 -10.54
CA ILE A 447 14.52 12.95 -11.54
C ILE A 447 15.73 13.46 -12.33
N LEU A 448 16.82 13.76 -11.63
CA LEU A 448 18.05 14.24 -12.26
C LEU A 448 18.55 13.23 -13.30
N GLU A 449 18.71 11.98 -12.88
CA GLU A 449 19.17 10.93 -13.79
C GLU A 449 18.26 10.85 -15.01
N ALA A 450 16.96 10.88 -14.78
CA ALA A 450 15.98 10.82 -15.86
C ALA A 450 16.17 11.97 -16.84
N VAL A 451 16.45 13.16 -16.31
CA VAL A 451 16.67 14.31 -17.16
C VAL A 451 17.90 14.09 -18.03
N LYS A 452 18.99 13.63 -17.41
CA LYS A 452 20.24 13.38 -18.14
C LYS A 452 20.06 12.31 -19.22
N ALA A 453 19.15 11.37 -18.97
CA ALA A 453 18.90 10.30 -19.92
C ALA A 453 17.91 10.67 -21.01
N ALA A 454 17.36 11.87 -20.93
CA ALA A 454 16.34 12.30 -21.90
C ALA A 454 16.79 13.37 -22.88
N VAL A 455 17.55 14.34 -22.38
CA VAL A 455 18.00 15.45 -23.20
C VAL A 455 18.95 15.09 -24.33
N ASP A 456 19.02 15.99 -25.31
CA ASP A 456 19.89 15.85 -26.47
C ASP A 456 21.35 15.89 -25.97
N PRO A 457 22.24 15.14 -26.62
CA PRO A 457 23.66 15.09 -26.25
C PRO A 457 24.30 16.46 -26.05
N SER A 458 23.87 17.44 -26.84
CA SER A 458 24.45 18.77 -26.76
C SER A 458 23.94 19.55 -25.56
N THR A 459 22.90 19.07 -24.90
CA THR A 459 22.33 19.76 -23.75
C THR A 459 23.14 19.56 -22.46
N VAL A 460 23.74 20.64 -21.98
CA VAL A 460 24.50 20.56 -20.74
C VAL A 460 23.51 20.58 -19.58
N VAL A 461 23.66 19.66 -18.65
CA VAL A 461 22.75 19.58 -17.52
C VAL A 461 23.50 19.84 -16.21
N VAL A 462 23.13 20.92 -15.53
CA VAL A 462 23.76 21.26 -14.28
C VAL A 462 22.86 20.95 -13.08
N PHE A 463 23.44 20.33 -12.06
CA PHE A 463 22.68 20.03 -10.86
C PHE A 463 23.13 20.90 -9.71
N ALA A 464 22.17 21.41 -8.95
CA ALA A 464 22.45 22.26 -7.79
C ALA A 464 21.26 22.12 -6.86
N GLU A 465 21.46 21.44 -5.74
CA GLU A 465 20.38 21.21 -4.79
C GLU A 465 19.68 22.47 -4.30
N ASN A 466 20.45 23.49 -3.92
CA ASN A 466 19.88 24.74 -3.41
C ASN A 466 20.63 25.98 -3.83
N PRO A 467 20.56 26.32 -5.12
CA PRO A 467 21.26 27.50 -5.63
C PRO A 467 20.60 28.79 -5.17
N ASP A 468 21.41 29.81 -4.89
CA ASP A 468 20.83 31.09 -4.51
C ASP A 468 20.42 31.76 -5.81
N ALA A 469 19.65 32.83 -5.71
CA ALA A 469 19.18 33.52 -6.90
C ALA A 469 20.30 33.91 -7.87
N GLU A 470 21.43 34.36 -7.31
CA GLU A 470 22.55 34.77 -8.14
C GLU A 470 23.07 33.67 -9.05
N PHE A 471 23.30 32.50 -8.48
CA PHE A 471 23.81 31.36 -9.22
C PHE A 471 22.96 31.06 -10.44
N VAL A 472 21.66 31.28 -10.31
CA VAL A 472 20.76 31.01 -11.42
C VAL A 472 20.78 32.12 -12.46
N LYS A 473 20.63 33.36 -12.02
CA LYS A 473 20.63 34.49 -12.95
C LYS A 473 21.85 34.53 -13.86
N SER A 474 23.01 34.10 -13.37
CA SER A 474 24.22 34.11 -14.19
C SER A 474 24.64 32.74 -14.70
N GLY A 475 23.77 31.75 -14.52
CA GLY A 475 24.09 30.40 -14.97
C GLY A 475 23.91 30.16 -16.46
N GLY A 476 23.22 31.07 -17.13
CA GLY A 476 22.99 30.91 -18.55
C GLY A 476 22.07 29.74 -18.85
N PHE A 477 21.01 29.61 -18.07
CA PHE A 477 20.06 28.51 -18.24
C PHE A 477 18.89 28.87 -19.15
N SER A 478 18.41 27.88 -19.90
CA SER A 478 17.27 28.10 -20.81
C SER A 478 15.98 27.90 -20.03
N TYR A 479 16.06 27.06 -19.01
CA TYR A 479 14.91 26.76 -18.16
C TYR A 479 15.40 25.90 -17.00
N ALA A 480 14.54 25.65 -16.03
CA ALA A 480 14.93 24.83 -14.89
C ALA A 480 13.82 23.92 -14.41
N ILE A 481 14.22 22.78 -13.86
CA ILE A 481 13.29 21.82 -13.30
C ILE A 481 13.70 21.72 -11.84
N VAL A 482 12.80 22.10 -10.95
CA VAL A 482 13.05 22.07 -9.51
C VAL A 482 12.11 21.08 -8.85
N ALA A 483 12.65 20.19 -8.03
CA ALA A 483 11.85 19.19 -7.36
C ALA A 483 11.95 19.35 -5.85
N VAL A 484 10.79 19.53 -5.21
CA VAL A 484 10.72 19.70 -3.76
C VAL A 484 9.49 18.97 -3.23
N GLY A 485 9.41 18.83 -1.91
CA GLY A 485 8.25 18.15 -1.35
C GLY A 485 8.40 17.60 0.06
N GLU A 486 7.48 16.71 0.41
CA GLU A 486 7.45 16.08 1.73
C GLU A 486 8.54 15.03 1.85
N HIS A 487 8.83 14.64 3.10
CA HIS A 487 9.83 13.60 3.36
C HIS A 487 9.06 12.30 3.56
N PRO A 488 9.70 11.15 3.33
CA PRO A 488 9.01 9.87 3.52
C PRO A 488 8.39 9.74 4.90
N TYR A 489 7.23 9.11 4.96
CA TYR A 489 6.56 8.90 6.23
C TYR A 489 5.48 7.82 6.17
N THR A 490 5.27 7.16 7.30
CA THR A 490 4.29 6.10 7.36
C THR A 490 3.43 6.19 8.62
N GLU A 491 2.19 5.73 8.48
CA GLU A 491 1.25 5.74 9.59
C GLU A 491 1.27 7.03 10.42
N THR A 492 1.24 6.92 11.74
CA THR A 492 1.21 8.11 12.58
C THR A 492 2.29 9.15 12.33
N LYS A 493 3.50 8.71 11.98
CA LYS A 493 4.57 9.68 11.72
C LYS A 493 4.11 10.66 10.65
N GLY A 494 3.16 10.22 9.83
CA GLY A 494 2.66 11.06 8.76
C GLY A 494 1.61 12.07 9.15
N ASP A 495 0.92 11.86 10.26
CA ASP A 495 -0.10 12.81 10.70
C ASP A 495 0.50 14.21 10.69
N ASN A 496 -0.17 15.13 10.01
CA ASN A 496 0.32 16.50 9.89
C ASN A 496 -0.84 17.50 9.93
N LEU A 497 -0.76 18.49 10.80
CA LEU A 497 -1.84 19.47 10.89
C LEU A 497 -1.64 20.77 10.11
N ASN A 498 -0.40 21.06 9.72
CA ASN A 498 -0.11 22.29 8.98
C ASN A 498 0.05 22.06 7.48
N LEU A 499 0.31 20.81 7.11
CA LEU A 499 0.49 20.38 5.72
C LEU A 499 1.31 21.28 4.80
N THR A 500 2.41 21.84 5.33
CA THR A 500 3.28 22.68 4.52
C THR A 500 4.59 21.93 4.38
N ILE A 501 5.15 21.92 3.19
CA ILE A 501 6.40 21.19 2.95
C ILE A 501 7.61 21.73 3.72
N PRO A 502 8.56 20.84 4.04
CA PRO A 502 9.78 21.22 4.77
C PRO A 502 10.64 22.17 3.94
N GLU A 503 11.45 22.98 4.61
CA GLU A 503 12.35 23.89 3.92
C GLU A 503 13.74 23.28 3.98
N PRO A 504 14.61 23.61 3.00
CA PRO A 504 14.36 24.51 1.88
C PRO A 504 13.50 23.83 0.83
N GLY A 505 12.47 24.54 0.39
CA GLY A 505 11.59 24.00 -0.63
C GLY A 505 11.07 25.18 -1.40
N LEU A 506 10.26 25.99 -0.71
CA LEU A 506 9.69 27.18 -1.32
C LEU A 506 10.81 28.15 -1.70
N SER A 507 11.77 28.31 -0.81
CA SER A 507 12.88 29.23 -1.05
C SER A 507 13.70 28.86 -2.29
N THR A 508 13.91 27.56 -2.49
CA THR A 508 14.68 27.11 -3.64
C THR A 508 13.92 27.43 -4.91
N VAL A 509 12.62 27.14 -4.90
CA VAL A 509 11.77 27.40 -6.05
C VAL A 509 11.72 28.89 -6.33
N GLN A 510 11.63 29.69 -5.29
CA GLN A 510 11.58 31.14 -5.49
C GLN A 510 12.91 31.66 -5.99
N ALA A 511 14.01 31.05 -5.55
CA ALA A 511 15.33 31.46 -5.99
C ALA A 511 15.51 31.08 -7.46
N VAL A 512 15.23 29.82 -7.78
CA VAL A 512 15.37 29.33 -9.15
C VAL A 512 14.42 30.04 -10.12
N CYS A 513 13.13 29.99 -9.85
CA CYS A 513 12.13 30.62 -10.70
C CYS A 513 12.34 32.12 -10.87
N GLY A 514 12.93 32.76 -9.88
CA GLY A 514 13.18 34.19 -10.00
C GLY A 514 14.24 34.45 -11.06
N GLY A 515 15.11 33.48 -11.28
CA GLY A 515 16.19 33.65 -12.24
C GLY A 515 15.97 33.11 -13.64
N VAL A 516 15.03 32.17 -13.81
CA VAL A 516 14.77 31.59 -15.12
C VAL A 516 13.43 30.87 -15.07
N ARG A 517 12.78 30.73 -16.22
CA ARG A 517 11.50 30.02 -16.26
C ARG A 517 11.73 28.63 -15.68
N CYS A 518 10.83 28.26 -14.77
CA CYS A 518 10.95 27.00 -14.06
C CYS A 518 9.72 26.11 -14.11
N ALA A 519 9.96 24.81 -14.03
CA ALA A 519 8.91 23.81 -14.01
C ALA A 519 9.10 23.11 -12.65
N THR A 520 8.18 23.36 -11.73
CA THR A 520 8.27 22.76 -10.41
C THR A 520 7.58 21.42 -10.33
N VAL A 521 8.29 20.44 -9.80
CA VAL A 521 7.75 19.10 -9.62
C VAL A 521 7.56 18.93 -8.12
N LEU A 522 6.31 18.76 -7.72
CA LEU A 522 5.97 18.61 -6.31
C LEU A 522 5.82 17.14 -5.90
N ILE A 523 6.71 16.68 -5.03
CA ILE A 523 6.67 15.30 -4.55
C ILE A 523 5.97 15.30 -3.19
N SER A 524 4.82 14.63 -3.11
CA SER A 524 4.07 14.58 -1.86
C SER A 524 3.09 13.43 -1.87
N GLY A 525 2.60 13.04 -0.70
CA GLY A 525 1.64 11.95 -0.64
C GLY A 525 0.23 12.47 -0.49
N ARG A 526 0.06 13.77 -0.65
CA ARG A 526 -1.24 14.39 -0.48
C ARG A 526 -1.13 15.88 -0.84
N PRO A 527 -2.28 16.55 -0.97
CA PRO A 527 -2.27 17.99 -1.29
C PRO A 527 -1.61 18.73 -0.12
N VAL A 528 -0.85 19.77 -0.42
CA VAL A 528 -0.18 20.55 0.62
C VAL A 528 -0.36 22.03 0.26
N VAL A 529 -0.08 22.93 1.21
CA VAL A 529 -0.24 24.35 0.92
C VAL A 529 0.61 24.59 -0.31
N VAL A 530 -0.03 25.06 -1.38
CA VAL A 530 0.66 25.25 -2.65
C VAL A 530 0.53 26.63 -3.32
N GLN A 531 -0.17 27.57 -2.69
CA GLN A 531 -0.31 28.89 -3.32
C GLN A 531 1.03 29.58 -3.55
N PRO A 532 1.92 29.57 -2.54
CA PRO A 532 3.23 30.21 -2.69
C PRO A 532 4.03 29.61 -3.85
N LEU A 533 4.07 28.28 -3.92
CA LEU A 533 4.77 27.57 -4.99
C LEU A 533 4.22 27.94 -6.35
N LEU A 534 2.90 27.96 -6.44
CA LEU A 534 2.21 28.33 -7.66
C LEU A 534 2.65 29.72 -8.11
N ALA A 535 2.66 30.64 -7.15
CA ALA A 535 3.02 32.03 -7.41
C ALA A 535 4.40 32.21 -8.06
N ALA A 536 5.36 31.42 -7.61
CA ALA A 536 6.72 31.52 -8.13
C ALA A 536 6.98 30.75 -9.42
N SER A 537 6.18 29.72 -9.69
CA SER A 537 6.40 28.87 -10.85
C SER A 537 5.64 29.19 -12.14
N ASP A 538 6.27 28.87 -13.27
CA ASP A 538 5.64 29.07 -14.58
C ASP A 538 4.75 27.85 -14.82
N ALA A 539 5.25 26.68 -14.41
CA ALA A 539 4.52 25.42 -14.54
C ALA A 539 4.75 24.63 -13.27
N LEU A 540 3.73 23.91 -12.80
CA LEU A 540 3.88 23.12 -11.58
C LEU A 540 3.15 21.81 -11.74
N VAL A 541 3.83 20.72 -11.39
CA VAL A 541 3.27 19.38 -11.50
C VAL A 541 3.19 18.67 -10.16
N ALA A 542 2.07 17.98 -9.92
CA ALA A 542 1.90 17.21 -8.69
C ALA A 542 2.26 15.78 -9.06
N ALA A 543 3.43 15.34 -8.63
CA ALA A 543 3.93 14.00 -8.93
C ALA A 543 3.61 12.98 -7.85
N TRP A 544 3.04 13.43 -6.74
CA TRP A 544 2.71 12.54 -5.64
C TRP A 544 3.98 11.79 -5.22
N LEU A 545 3.91 10.47 -5.15
CA LEU A 545 5.07 9.66 -4.78
C LEU A 545 5.27 8.64 -5.90
N PRO A 546 5.88 9.08 -7.01
CA PRO A 546 6.20 8.39 -8.25
C PRO A 546 6.77 6.98 -8.17
N GLY A 547 7.64 6.74 -7.19
CA GLY A 547 8.25 5.42 -7.07
C GLY A 547 9.67 5.43 -7.59
N SER A 548 10.18 4.25 -7.93
CA SER A 548 11.55 4.13 -8.40
C SER A 548 11.86 4.58 -9.83
N GLU A 549 10.85 4.67 -10.70
CA GLU A 549 11.08 5.06 -12.09
C GLU A 549 10.88 6.55 -12.43
N GLY A 550 11.88 7.36 -12.10
CA GLY A 550 11.79 8.78 -12.34
C GLY A 550 11.58 9.22 -13.78
N GLN A 551 11.95 8.38 -14.74
CA GLN A 551 11.78 8.76 -16.14
C GLN A 551 10.32 9.03 -16.45
N GLY A 552 9.43 8.44 -15.66
CA GLY A 552 8.01 8.66 -15.83
C GLY A 552 7.71 10.14 -15.70
N VAL A 553 8.47 10.83 -14.84
CA VAL A 553 8.30 12.26 -14.64
C VAL A 553 8.76 13.03 -15.87
N THR A 554 9.95 12.70 -16.36
CA THR A 554 10.47 13.38 -17.54
C THR A 554 9.76 12.99 -18.82
N ASP A 555 9.04 11.87 -18.83
CA ASP A 555 8.31 11.45 -20.03
C ASP A 555 7.23 12.48 -20.35
N ALA A 556 6.73 13.14 -19.32
CA ALA A 556 5.70 14.15 -19.51
C ALA A 556 6.34 15.52 -19.66
N LEU A 557 7.33 15.82 -18.82
CA LEU A 557 7.99 17.11 -18.88
C LEU A 557 8.57 17.41 -20.27
N PHE A 558 9.08 16.39 -20.95
CA PHE A 558 9.68 16.60 -22.26
C PHE A 558 8.79 16.32 -23.47
N GLY A 559 7.51 16.03 -23.22
CA GLY A 559 6.59 15.80 -24.31
C GLY A 559 6.48 14.42 -24.96
N ASP A 560 7.19 13.42 -24.45
CA ASP A 560 7.06 12.09 -25.06
C ASP A 560 5.64 11.58 -24.87
N PHE A 561 4.95 12.16 -23.90
CA PHE A 561 3.56 11.82 -23.62
C PHE A 561 2.94 13.09 -23.03
N GLY A 562 1.64 13.28 -23.24
CA GLY A 562 0.98 14.46 -22.71
C GLY A 562 0.44 14.17 -21.32
N PHE A 563 0.33 15.21 -20.49
CA PHE A 563 -0.20 15.04 -19.14
C PHE A 563 -1.67 14.66 -19.22
N THR A 564 -2.07 13.67 -18.45
CA THR A 564 -3.46 13.21 -18.46
C THR A 564 -4.06 13.06 -17.07
N GLY A 565 -3.21 13.05 -16.06
CA GLY A 565 -3.70 12.88 -14.70
C GLY A 565 -4.67 13.93 -14.17
N ARG A 566 -5.61 13.50 -13.34
CA ARG A 566 -6.59 14.40 -12.73
C ARG A 566 -6.64 14.16 -11.23
N LEU A 567 -6.78 15.23 -10.46
CA LEU A 567 -6.82 15.13 -9.01
C LEU A 567 -7.82 14.12 -8.46
N PRO A 568 -7.33 13.20 -7.60
CA PRO A 568 -8.13 12.14 -6.98
C PRO A 568 -8.68 12.69 -5.66
N ARG A 569 -8.11 13.81 -5.22
CA ARG A 569 -8.52 14.45 -3.99
C ARG A 569 -8.91 15.89 -4.28
N THR A 570 -9.28 16.60 -3.22
CA THR A 570 -9.63 17.99 -3.32
C THR A 570 -8.39 18.73 -2.87
N TRP A 571 -8.04 19.83 -3.55
CA TRP A 571 -6.88 20.60 -3.16
C TRP A 571 -7.40 21.85 -2.48
N PHE A 572 -7.20 21.92 -1.17
CA PHE A 572 -7.67 23.04 -0.35
C PHE A 572 -6.89 24.33 -0.48
N LYS A 573 -7.50 25.41 -0.01
CA LYS A 573 -6.86 26.73 -0.03
C LYS A 573 -6.07 26.86 1.27
N SER A 574 -6.63 26.34 2.36
CA SER A 574 -5.97 26.36 3.66
C SER A 574 -6.40 25.14 4.49
N VAL A 575 -5.56 24.74 5.44
CA VAL A 575 -5.87 23.58 6.26
C VAL A 575 -7.12 23.69 7.15
N ASP A 576 -7.52 24.89 7.54
CA ASP A 576 -8.70 25.00 8.38
C ASP A 576 -10.03 24.88 7.64
N GLN A 577 -9.99 24.48 6.38
CA GLN A 577 -11.22 24.26 5.63
C GLN A 577 -11.57 22.79 5.83
N LEU A 578 -10.55 22.00 6.16
CA LEU A 578 -10.67 20.56 6.35
C LEU A 578 -11.44 20.11 7.58
N PRO A 579 -12.25 19.04 7.44
CA PRO A 579 -12.47 18.25 6.22
C PRO A 579 -13.13 19.10 5.13
N MET A 580 -13.09 18.60 3.90
CA MET A 580 -13.70 19.28 2.77
C MET A 580 -13.53 18.40 1.54
N ASN A 581 -14.57 17.67 1.19
CA ASN A 581 -14.52 16.78 0.04
C ASN A 581 -15.60 17.14 -0.97
N VAL A 582 -15.46 16.61 -2.18
CA VAL A 582 -16.42 16.88 -3.25
C VAL A 582 -17.82 16.55 -2.76
N GLY A 583 -18.78 17.40 -3.11
CA GLY A 583 -20.14 17.16 -2.70
C GLY A 583 -20.45 17.78 -1.35
N ASP A 584 -19.47 18.47 -0.77
CA ASP A 584 -19.64 19.12 0.53
C ASP A 584 -20.42 20.42 0.39
N ALA A 585 -20.96 20.90 1.50
CA ALA A 585 -21.74 22.14 1.51
C ALA A 585 -20.87 23.38 1.31
N HIS A 586 -19.77 23.47 2.05
CA HIS A 586 -18.88 24.62 1.92
C HIS A 586 -17.73 24.33 0.95
N TYR A 587 -18.01 23.64 -0.14
CA TYR A 587 -16.93 23.30 -1.08
C TYR A 587 -16.29 24.53 -1.74
N ASP A 588 -15.14 24.93 -1.20
CA ASP A 588 -14.41 26.08 -1.74
C ASP A 588 -12.95 25.68 -1.94
N PRO A 589 -12.70 24.78 -2.90
CA PRO A 589 -11.38 24.25 -3.24
C PRO A 589 -10.50 25.16 -4.08
N LEU A 590 -9.18 24.97 -3.95
CA LEU A 590 -8.22 25.71 -4.74
C LEU A 590 -8.30 25.05 -6.12
N PHE A 591 -8.46 23.72 -6.10
CA PHE A 591 -8.59 22.90 -7.30
C PHE A 591 -9.63 21.83 -7.00
N ARG A 592 -10.70 21.81 -7.79
CA ARG A 592 -11.75 20.82 -7.57
C ARG A 592 -11.18 19.44 -7.81
N LEU A 593 -11.83 18.42 -7.27
CA LEU A 593 -11.40 17.06 -7.49
C LEU A 593 -11.67 16.85 -8.98
N GLY A 594 -10.78 16.14 -9.66
CA GLY A 594 -10.96 15.91 -11.08
C GLY A 594 -10.20 16.93 -11.93
N TYR A 595 -9.63 17.94 -11.29
CA TYR A 595 -8.87 18.97 -12.00
C TYR A 595 -7.55 18.48 -12.58
N GLY A 596 -7.19 19.01 -13.74
CA GLY A 596 -5.94 18.62 -14.37
C GLY A 596 -5.71 19.25 -15.73
N LEU A 597 -4.65 20.04 -15.86
CA LEU A 597 -4.33 20.64 -17.15
C LEU A 597 -3.73 19.56 -18.02
N THR A 598 -3.87 19.68 -19.34
CA THR A 598 -3.32 18.66 -20.23
C THR A 598 -2.35 19.23 -21.25
N THR A 599 -1.60 18.35 -21.90
CA THR A 599 -0.66 18.72 -22.94
C THR A 599 -0.73 17.59 -23.96
N ASN A 600 -0.21 17.82 -25.15
CA ASN A 600 -0.20 16.79 -26.19
C ASN A 600 1.25 16.46 -26.50
N ALA A 601 1.53 15.18 -26.69
CA ALA A 601 2.89 14.74 -26.99
C ALA A 601 3.46 15.53 -28.17
N THR A 602 4.72 15.90 -28.07
CA THR A 602 5.38 16.63 -29.15
C THR A 602 5.71 15.63 -30.26
C1 NAG B . -7.78 9.95 19.51
C2 NAG B . -8.05 8.93 20.62
C3 NAG B . -8.09 9.62 21.99
C4 NAG B . -6.78 10.35 22.23
C5 NAG B . -6.51 11.33 21.07
C6 NAG B . -5.13 11.94 21.20
C7 NAG B . -9.26 7.01 19.83
C8 NAG B . -10.58 6.32 19.57
N2 NAG B . -9.29 8.22 20.37
O3 NAG B . -8.30 8.65 23.01
O4 NAG B . -6.84 11.09 23.47
O5 NAG B . -6.54 10.64 19.78
O6 NAG B . -4.99 13.04 20.31
O7 NAG B . -8.20 6.43 19.53
C1 NAG B . -5.72 11.05 24.30
C2 NAG B . -5.76 12.18 25.33
C3 NAG B . -4.54 12.10 26.26
C4 NAG B . -4.31 10.70 26.84
C5 NAG B . -4.50 9.60 25.77
C6 NAG B . -4.58 8.22 26.40
C7 NAG B . -6.91 14.05 24.31
C8 NAG B . -6.88 14.92 23.05
N2 NAG B . -5.76 13.48 24.66
O3 NAG B . -4.71 13.01 27.33
O4 NAG B . -2.94 10.63 27.30
O5 NAG B . -5.71 9.79 25.00
O6 NAG B . -5.37 7.35 25.62
O7 NAG B . -7.96 13.92 24.95
C1 BMA B . -2.53 10.77 28.64
C2 BMA B . -3.72 10.84 29.63
C3 BMA B . -3.19 10.87 31.06
C4 BMA B . -2.28 9.66 31.32
C5 BMA B . -1.13 9.72 30.30
C6 BMA B . -0.08 8.61 30.42
O2 BMA B . -4.56 9.69 29.46
O3 BMA B . -4.26 10.87 32.00
O4 BMA B . -1.77 9.69 32.64
O5 BMA B . -1.67 9.65 28.95
O6 BMA B . -0.42 7.66 31.43
C1 NAG C . 4.09 20.66 10.37
C2 NAG C . 5.44 21.27 10.69
C3 NAG C . 6.53 20.24 10.44
C4 NAG C . 6.25 18.98 11.28
C5 NAG C . 4.79 18.49 11.12
C6 NAG C . 4.44 17.46 12.17
C7 NAG C . 5.46 23.66 10.40
C8 NAG C . 4.75 24.69 9.53
N2 NAG C . 5.68 22.46 9.89
O3 NAG C . 7.82 20.79 10.81
O4 NAG C . 7.16 17.93 10.89
O5 NAG C . 3.85 19.57 11.27
O6 NAG C . 4.03 16.24 11.58
O7 NAG C . 5.79 23.96 11.55
C1 NAG C . 7.74 17.19 11.91
C2 NAG C . 8.67 16.11 11.30
C3 NAG C . 9.39 15.35 12.43
C4 NAG C . 10.09 16.33 13.39
C5 NAG C . 9.10 17.39 13.86
C6 NAG C . 9.72 18.46 14.74
C7 NAG C . 8.24 14.90 9.25
C8 NAG C . 7.98 13.49 8.75
N2 NAG C . 7.89 15.17 10.50
O3 NAG C . 10.33 14.44 11.90
O4 NAG C . 10.61 15.60 14.54
O5 NAG C . 8.52 18.07 12.73
O6 NAG C . 8.72 19.08 15.57
O7 NAG C . 8.78 15.73 8.51
C1 BMA C . 11.98 15.65 14.76
C2 BMA C . 12.30 15.00 16.13
C3 BMA C . 13.83 14.90 16.33
C4 BMA C . 14.48 14.19 15.13
C5 BMA C . 14.08 14.94 13.85
C6 BMA C . 14.66 14.38 12.57
O2 BMA C . 11.72 13.70 16.19
O3 BMA C . 14.11 14.19 17.54
O4 BMA C . 15.89 14.19 15.27
O5 BMA C . 12.64 14.94 13.71
O6 BMA C . 13.97 14.95 11.45
C1 MAN C . 14.50 14.60 10.20
C2 MAN C . 13.75 15.35 9.09
C3 MAN C . 12.32 14.78 8.97
C4 MAN C . 12.37 13.27 8.73
C5 MAN C . 13.15 12.61 9.87
C6 MAN C . 13.32 11.12 9.71
O2 MAN C . 14.43 15.19 7.84
O3 MAN C . 11.63 15.43 7.92
O4 MAN C . 11.06 12.75 8.67
O5 MAN C . 14.47 13.19 9.97
O6 MAN C . 13.30 10.74 8.34
C1 NAG C . 15.42 16.12 7.56
C2 NAG C . 16.15 15.73 6.25
C3 NAG C . 17.16 16.82 5.88
C4 NAG C . 16.44 18.17 5.77
C5 NAG C . 15.73 18.47 7.10
C6 NAG C . 14.95 19.78 7.06
C7 NAG C . 16.12 13.31 6.23
C8 NAG C . 16.19 12.31 7.36
N2 NAG C . 16.81 14.45 6.38
O3 NAG C . 17.78 16.50 4.64
O4 NAG C . 17.36 19.20 5.46
O5 NAG C . 14.80 17.41 7.42
O6 NAG C . 13.87 19.71 6.14
O7 NAG C . 15.43 13.08 5.24
C1 FUC C . 8.58 21.33 9.76
C2 FUC C . 9.52 22.40 10.31
C3 FUC C . 10.56 21.76 11.23
C4 FUC C . 11.33 20.67 10.46
C5 FUC C . 10.35 19.65 9.88
C6 FUC C . 11.05 18.65 8.98
O2 FUC C . 8.78 23.39 11.03
O3 FUC C . 11.46 22.75 11.73
O4 FUC C . 12.09 21.28 9.41
O5 FUC C . 9.34 20.32 9.08
C2 BGC D . -0.28 -1.33 9.35
C3 BGC D . -0.80 -2.33 8.30
C4 BGC D . 0.31 -3.27 7.84
C5 BGC D . 0.96 -3.94 9.07
C6 BGC D . 2.10 -4.88 8.71
C1 BGC D . 0.46 -2.06 10.49
O1 BGC D . 1.06 -1.13 11.32
O2 BGC D . -1.38 -0.59 9.89
O3 BGC D . -1.33 -1.64 7.18
O4 BGC D . -0.22 -4.26 6.98
O5 BGC D . 1.48 -2.92 9.96
O6 BGC D . 3.36 -4.36 9.12
#